data_8ENK
#
_entry.id   8ENK
#
_cell.length_a   88.534
_cell.length_b   96.786
_cell.length_c   126.180
_cell.angle_alpha   90.000
_cell.angle_beta   90.000
_cell.angle_gamma   90.000
#
_symmetry.space_group_name_H-M   'P 21 21 21'
#
loop_
_entity.id
_entity.type
_entity.pdbx_description
1 polymer 'Spliceosome RNA helicase DDX39B'
2 polymer 'Protein THO1'
3 polymer RNA
4 non-polymer "ADENOSINE-5'-DIPHOSPHATE"
5 non-polymer 'BERYLLIUM TRIFLUORIDE ION'
6 non-polymer 'MAGNESIUM ION'
7 water water
#
loop_
_entity_poly.entity_id
_entity_poly.type
_entity_poly.pdbx_seq_one_letter_code
_entity_poly.pdbx_strand_id
1 'polypeptide(L)'
;GAMGSSSGFRDFLLKPELLRAIVDCGFEHPSEVQHECIPQAILGMDVLCQAKSGMGKTAVFVLATLQQLEPVTGQVSVLV
MCHTRELAFQISKEYERFSKYMPNVKVAVFFGGLSIKKDEEVLKKNCPHIVVGTPGRILALARNKSLNLKHIKHFILDEC
DKMLEQLDMRRDVQEIFRMTPHEKQVMMFSATLSKEIRPVCRKFMQDPMEIFVDDETKLTLHGLQQYYVKLKDNEKNRKL
FDLLDVLEFNQVVIFVKSVQRCIALAQLLVEQNFPAIAIHRGMPQEERLSRYQQFKDFQRRILVATNLFGRGMDIERVNI
AFNYDMPEDSDTYLHRVARAGRFGTKGLAITFVSDENDAKILNDVQDRFEVNISELPDEIDISSYIEQTR
;
A,B
2 'polypeptide(L)' GAMGSEEIKAKALDLLNKKLHRANKFGQDQADIDSLQRQINRVEKFGVDLNSKLAEELGLV E
3 'polyribonucleotide' UUUUUUUUUUUUUUU M,N
#
# COMPACT_ATOMS: atom_id res chain seq x y z
N GLY A 8 -55.21 8.04 6.87
CA GLY A 8 -56.02 7.26 5.96
C GLY A 8 -56.13 5.80 6.33
N PHE A 9 -55.23 5.34 7.20
CA PHE A 9 -55.28 3.97 7.70
C PHE A 9 -56.42 3.77 8.69
N ARG A 10 -56.95 4.85 9.26
CA ARG A 10 -58.05 4.76 10.21
C ARG A 10 -59.34 4.27 9.53
N ASP A 11 -59.55 4.68 8.28
CA ASP A 11 -60.76 4.34 7.54
C ASP A 11 -60.90 2.84 7.29
N PHE A 12 -59.82 2.08 7.36
CA PHE A 12 -59.84 0.66 7.01
C PHE A 12 -60.62 -0.20 8.01
N LEU A 13 -60.95 0.34 9.18
CA LEU A 13 -61.68 -0.42 10.21
C LEU A 13 -60.89 -1.65 10.65
N LEU A 14 -59.59 -1.47 10.87
CA LEU A 14 -58.74 -2.55 11.34
C LEU A 14 -58.80 -2.66 12.86
N LYS A 15 -58.23 -3.74 13.38
CA LYS A 15 -58.15 -3.90 14.82
C LYS A 15 -57.18 -2.88 15.42
N PRO A 16 -57.50 -2.31 16.59
CA PRO A 16 -56.66 -1.25 17.14
C PRO A 16 -55.19 -1.64 17.33
N GLU A 17 -54.92 -2.89 17.69
CA GLU A 17 -53.53 -3.34 17.78
C GLU A 17 -52.86 -3.31 16.42
N LEU A 18 -53.58 -3.75 15.39
CA LEU A 18 -53.06 -3.69 14.03
C LEU A 18 -52.80 -2.26 13.60
N LEU A 19 -53.75 -1.36 13.90
CA LEU A 19 -53.55 0.06 13.62
C LEU A 19 -52.39 0.63 14.42
N ARG A 20 -52.20 0.13 15.64
CA ARG A 20 -51.07 0.57 16.46
C ARG A 20 -49.74 0.16 15.85
N ALA A 21 -49.68 -1.04 15.24
CA ALA A 21 -48.47 -1.48 14.56
C ALA A 21 -48.17 -0.62 13.33
N ILE A 22 -49.22 -0.16 12.63
CA ILE A 22 -49.02 0.65 11.43
C ILE A 22 -48.30 1.95 11.78
N VAL A 23 -48.76 2.62 12.84
CA VAL A 23 -48.12 3.88 13.24
C VAL A 23 -46.73 3.62 13.81
N ASP A 24 -46.51 2.44 14.40
CA ASP A 24 -45.20 2.14 14.99
C ASP A 24 -44.11 2.06 13.92
N CYS A 25 -44.42 1.47 12.78
CA CYS A 25 -43.44 1.40 11.70
C CYS A 25 -43.40 2.67 10.87
N GLY A 26 -44.26 3.64 11.15
CA GLY A 26 -44.12 4.99 10.62
C GLY A 26 -44.93 5.30 9.37
N PHE A 27 -45.89 4.47 9.00
CA PHE A 27 -46.70 4.74 7.82
C PHE A 27 -47.65 5.90 8.09
N GLU A 28 -47.65 6.88 7.20
CA GLU A 28 -48.49 8.06 7.37
C GLU A 28 -49.69 8.08 6.43
N HIS A 29 -49.60 7.43 5.27
CA HIS A 29 -50.67 7.44 4.30
C HIS A 29 -50.60 6.15 3.50
N PRO A 30 -51.73 5.47 3.26
CA PRO A 30 -51.70 4.26 2.45
C PRO A 30 -51.32 4.55 1.01
N SER A 31 -50.65 3.57 0.38
CA SER A 31 -50.35 3.67 -1.04
C SER A 31 -51.58 3.34 -1.87
N GLU A 32 -51.47 3.55 -3.18
CA GLU A 32 -52.58 3.30 -4.09
C GLU A 32 -53.08 1.87 -3.97
N VAL A 33 -52.16 0.90 -3.98
CA VAL A 33 -52.56 -0.51 -3.88
C VAL A 33 -53.15 -0.82 -2.51
N GLN A 34 -52.71 -0.13 -1.47
CA GLN A 34 -53.27 -0.33 -0.14
C GLN A 34 -54.68 0.24 -0.05
N HIS A 35 -54.92 1.40 -0.67
CA HIS A 35 -56.27 1.96 -0.70
C HIS A 35 -57.22 1.07 -1.49
N GLU A 36 -56.77 0.55 -2.62
CA GLU A 36 -57.69 -0.15 -3.51
C GLU A 36 -58.06 -1.53 -2.98
N CYS A 37 -57.08 -2.27 -2.45
CA CYS A 37 -57.26 -3.69 -2.16
C CYS A 37 -57.64 -4.02 -0.73
N ILE A 38 -57.17 -3.24 0.25
CA ILE A 38 -57.33 -3.66 1.64
C ILE A 38 -58.78 -3.84 2.05
N PRO A 39 -59.71 -2.91 1.79
CA PRO A 39 -61.10 -3.13 2.24
C PRO A 39 -61.71 -4.41 1.70
N GLN A 40 -61.47 -4.73 0.42
CA GLN A 40 -62.03 -5.96 -0.14
C GLN A 40 -61.36 -7.19 0.46
N ALA A 41 -60.04 -7.12 0.70
CA ALA A 41 -59.31 -8.26 1.24
C ALA A 41 -59.66 -8.53 2.70
N ILE A 42 -60.07 -7.49 3.44
CA ILE A 42 -60.56 -7.67 4.81
C ILE A 42 -61.80 -8.55 4.83
N LEU A 43 -62.64 -8.45 3.80
CA LEU A 43 -63.91 -9.16 3.76
C LEU A 43 -63.77 -10.62 3.36
N GLY A 44 -62.57 -11.11 3.06
CA GLY A 44 -62.37 -12.49 2.68
C GLY A 44 -62.51 -12.77 1.20
N MET A 45 -62.49 -11.74 0.37
CA MET A 45 -62.61 -11.91 -1.06
C MET A 45 -61.28 -12.35 -1.68
N ASP A 46 -61.38 -13.23 -2.68
CA ASP A 46 -60.23 -13.58 -3.50
C ASP A 46 -59.75 -12.36 -4.27
N VAL A 47 -58.43 -12.17 -4.33
CA VAL A 47 -57.84 -11.00 -4.98
C VAL A 47 -56.70 -11.45 -5.87
N LEU A 48 -56.68 -10.94 -7.11
CA LEU A 48 -55.57 -11.11 -8.04
C LEU A 48 -55.00 -9.72 -8.30
N CYS A 49 -53.85 -9.43 -7.69
CA CYS A 49 -53.36 -8.06 -7.56
C CYS A 49 -52.02 -7.90 -8.28
N GLN A 50 -51.97 -6.93 -9.18
CA GLN A 50 -50.74 -6.46 -9.81
C GLN A 50 -50.57 -4.99 -9.47
N ALA A 51 -49.37 -4.62 -9.00
CA ALA A 51 -49.15 -3.25 -8.55
C ALA A 51 -47.69 -2.87 -8.77
N LYS A 52 -47.44 -1.56 -8.70
CA LYS A 52 -46.12 -1.02 -8.98
C LYS A 52 -45.09 -1.53 -7.98
N SER A 53 -43.84 -1.64 -8.46
CA SER A 53 -42.75 -2.21 -7.68
C SER A 53 -42.48 -1.42 -6.40
N GLY A 54 -42.36 -2.13 -5.28
CA GLY A 54 -41.98 -1.52 -4.02
C GLY A 54 -42.97 -0.56 -3.42
N MET A 55 -44.24 -0.62 -3.81
CA MET A 55 -45.24 0.33 -3.32
C MET A 55 -46.18 -0.31 -2.30
N GLY A 56 -45.69 -1.28 -1.54
CA GLY A 56 -46.42 -1.79 -0.39
C GLY A 56 -47.38 -2.94 -0.63
N LYS A 57 -47.11 -3.80 -1.61
CA LYS A 57 -47.97 -4.96 -1.79
C LYS A 57 -47.92 -5.92 -0.60
N THR A 58 -46.75 -6.01 0.05
CA THR A 58 -46.60 -6.94 1.16
C THR A 58 -47.54 -6.59 2.31
N ALA A 59 -47.65 -5.31 2.63
CA ALA A 59 -48.52 -4.88 3.72
C ALA A 59 -49.98 -5.20 3.43
N VAL A 60 -50.35 -5.31 2.16
CA VAL A 60 -51.76 -5.54 1.80
C VAL A 60 -52.21 -6.90 2.31
N PHE A 61 -51.44 -7.95 2.03
CA PHE A 61 -51.87 -9.28 2.45
C PHE A 61 -51.41 -9.64 3.86
N VAL A 62 -50.45 -8.91 4.43
CA VAL A 62 -50.10 -9.16 5.82
C VAL A 62 -51.17 -8.60 6.74
N LEU A 63 -51.57 -7.35 6.51
CA LEU A 63 -52.62 -6.74 7.31
C LEU A 63 -53.97 -7.42 7.10
N ALA A 64 -54.31 -7.75 5.85
CA ALA A 64 -55.62 -8.33 5.59
C ALA A 64 -55.77 -9.70 6.26
N THR A 65 -54.72 -10.52 6.22
CA THR A 65 -54.79 -11.83 6.87
C THR A 65 -54.76 -11.69 8.39
N LEU A 66 -53.94 -10.77 8.91
CA LEU A 66 -53.90 -10.56 10.35
C LEU A 66 -55.25 -10.05 10.87
N GLN A 67 -55.95 -9.25 10.07
CA GLN A 67 -57.27 -8.76 10.47
C GLN A 67 -58.28 -9.91 10.57
N GLN A 68 -58.33 -10.77 9.55
CA GLN A 68 -59.28 -11.87 9.53
C GLN A 68 -58.89 -13.03 10.43
N LEU A 69 -57.65 -13.08 10.91
CA LEU A 69 -57.17 -14.27 11.62
C LEU A 69 -57.89 -14.43 12.94
N GLU A 70 -58.45 -15.63 13.15
CA GLU A 70 -59.03 -16.02 14.43
C GLU A 70 -58.21 -17.20 14.93
N PRO A 71 -57.17 -16.96 15.72
CA PRO A 71 -56.20 -18.02 16.01
C PRO A 71 -56.83 -19.17 16.79
N VAL A 72 -56.52 -20.39 16.34
CA VAL A 72 -56.87 -21.61 17.05
C VAL A 72 -55.58 -22.35 17.35
N THR A 73 -55.40 -22.76 18.61
CA THR A 73 -54.08 -23.14 19.10
C THR A 73 -53.48 -24.32 18.33
N GLY A 74 -54.30 -25.27 17.88
CA GLY A 74 -53.74 -26.45 17.27
C GLY A 74 -53.56 -26.46 15.77
N GLN A 75 -53.90 -25.38 15.05
CA GLN A 75 -54.00 -25.48 13.61
C GLN A 75 -53.39 -24.27 12.92
N VAL A 76 -52.96 -24.50 11.67
CA VAL A 76 -52.44 -23.45 10.80
C VAL A 76 -53.59 -22.89 9.98
N SER A 77 -53.74 -21.57 9.98
CA SER A 77 -54.87 -20.94 9.32
C SER A 77 -54.49 -20.19 8.05
N VAL A 78 -53.29 -19.63 7.97
CA VAL A 78 -52.83 -18.85 6.82
C VAL A 78 -51.56 -19.48 6.29
N LEU A 79 -51.52 -19.73 4.98
CA LEU A 79 -50.32 -20.19 4.29
C LEU A 79 -49.90 -19.17 3.24
N VAL A 80 -48.63 -18.76 3.30
CA VAL A 80 -48.05 -17.80 2.36
C VAL A 80 -46.82 -18.45 1.75
N MET A 81 -46.73 -18.41 0.41
CA MET A 81 -45.62 -19.00 -0.30
C MET A 81 -45.06 -18.00 -1.31
N CYS A 82 -43.78 -18.17 -1.63
CA CYS A 82 -43.08 -17.36 -2.62
C CYS A 82 -41.96 -18.20 -3.20
N HIS A 83 -41.18 -17.60 -4.13
CA HIS A 83 -40.26 -18.35 -4.96
C HIS A 83 -38.87 -18.54 -4.36
N THR A 84 -38.42 -17.65 -3.46
CA THR A 84 -37.09 -17.78 -2.88
C THR A 84 -37.18 -17.94 -1.37
N ARG A 85 -36.13 -18.54 -0.80
CA ARG A 85 -36.10 -18.73 0.65
C ARG A 85 -35.95 -17.41 1.39
N GLU A 86 -35.11 -16.52 0.88
CA GLU A 86 -34.88 -15.25 1.56
C GLU A 86 -36.13 -14.37 1.54
N LEU A 87 -36.92 -14.44 0.47
CA LEU A 87 -38.19 -13.71 0.45
C LEU A 87 -39.16 -14.26 1.48
N ALA A 88 -39.23 -15.58 1.63
CA ALA A 88 -40.07 -16.15 2.67
C ALA A 88 -39.61 -15.69 4.05
N PHE A 89 -38.29 -15.65 4.27
CA PHE A 89 -37.76 -15.11 5.52
C PHE A 89 -38.19 -13.66 5.71
N GLN A 90 -38.08 -12.85 4.66
CA GLN A 90 -38.44 -11.44 4.75
C GLN A 90 -39.92 -11.27 5.09
N ILE A 91 -40.79 -12.07 4.47
CA ILE A 91 -42.22 -11.97 4.75
C ILE A 91 -42.52 -12.34 6.19
N SER A 92 -41.85 -13.36 6.73
CA SER A 92 -42.13 -13.80 8.10
C SER A 92 -41.82 -12.69 9.10
N LYS A 93 -40.66 -12.03 8.94
CA LYS A 93 -40.33 -10.91 9.80
C LYS A 93 -41.28 -9.73 9.58
N GLU A 94 -41.89 -9.65 8.40
CA GLU A 94 -42.91 -8.64 8.17
C GLU A 94 -44.20 -8.96 8.91
N TYR A 95 -44.50 -10.25 9.09
CA TYR A 95 -45.62 -10.63 9.94
C TYR A 95 -45.35 -10.31 11.40
N GLU A 96 -44.15 -10.65 11.89
CA GLU A 96 -43.79 -10.31 13.27
C GLU A 96 -43.89 -8.80 13.49
N ARG A 97 -43.46 -8.02 12.49
CA ARG A 97 -43.50 -6.57 12.60
C ARG A 97 -44.92 -6.06 12.79
N PHE A 98 -45.87 -6.61 12.06
CA PHE A 98 -47.27 -6.18 12.18
C PHE A 98 -48.06 -6.99 13.19
N SER A 99 -47.47 -8.03 13.77
CA SER A 99 -48.04 -8.76 14.90
C SER A 99 -47.45 -8.31 16.23
N LYS A 100 -46.85 -7.13 16.26
CA LYS A 100 -46.18 -6.65 17.47
C LYS A 100 -47.14 -6.58 18.64
N TYR A 101 -48.38 -6.17 18.39
CA TYR A 101 -49.37 -6.00 19.44
C TYR A 101 -50.46 -7.07 19.38
N MET A 102 -50.18 -8.20 18.75
CA MET A 102 -51.08 -9.36 18.73
C MET A 102 -50.29 -10.54 19.27
N PRO A 103 -50.05 -10.59 20.58
CA PRO A 103 -49.15 -11.62 21.14
C PRO A 103 -49.64 -13.04 20.96
N ASN A 104 -50.94 -13.25 20.76
CA ASN A 104 -51.49 -14.60 20.59
C ASN A 104 -51.35 -15.14 19.17
N VAL A 105 -50.50 -14.52 18.34
CA VAL A 105 -50.30 -14.92 16.96
C VAL A 105 -48.89 -15.49 16.83
N LYS A 106 -48.78 -16.65 16.20
CA LYS A 106 -47.50 -17.31 15.97
C LYS A 106 -47.25 -17.43 14.48
N VAL A 107 -46.04 -17.07 14.07
CA VAL A 107 -45.61 -17.18 12.68
C VAL A 107 -44.40 -18.11 12.62
N ALA A 108 -44.22 -18.74 11.46
CA ALA A 108 -43.09 -19.64 11.25
C ALA A 108 -42.76 -19.67 9.77
N VAL A 109 -41.47 -19.86 9.47
CA VAL A 109 -40.96 -19.98 8.11
C VAL A 109 -40.34 -21.36 7.94
N PHE A 110 -40.66 -22.01 6.82
CA PHE A 110 -40.08 -23.29 6.45
C PHE A 110 -39.54 -23.18 5.04
N PHE A 111 -38.25 -23.47 4.86
CA PHE A 111 -37.65 -23.54 3.54
C PHE A 111 -36.50 -24.51 3.59
N GLY A 112 -36.05 -24.93 2.40
CA GLY A 112 -34.99 -25.91 2.29
C GLY A 112 -33.65 -25.35 2.72
N GLY A 113 -32.66 -26.23 2.71
CA GLY A 113 -31.33 -25.88 3.16
C GLY A 113 -31.15 -25.94 4.67
N LEU A 114 -32.21 -26.21 5.41
CA LEU A 114 -32.15 -26.42 6.85
C LEU A 114 -32.86 -27.71 7.19
N SER A 115 -32.46 -28.29 8.32
CA SER A 115 -32.98 -29.61 8.71
C SER A 115 -34.50 -29.60 8.80
N ILE A 116 -35.14 -30.57 8.13
CA ILE A 116 -36.59 -30.67 8.17
C ILE A 116 -37.07 -31.14 9.54
N LYS A 117 -36.23 -31.89 10.26
CA LYS A 117 -36.61 -32.34 11.60
C LYS A 117 -36.86 -31.15 12.53
N LYS A 118 -36.07 -30.08 12.38
CA LYS A 118 -36.31 -28.87 13.16
C LYS A 118 -37.64 -28.22 12.79
N ASP A 119 -38.01 -28.27 11.51
CA ASP A 119 -39.33 -27.79 11.11
C ASP A 119 -40.44 -28.66 11.69
N GLU A 120 -40.26 -29.98 11.69
CA GLU A 120 -41.23 -30.85 12.36
C GLU A 120 -41.24 -30.61 13.86
N GLU A 121 -40.09 -30.30 14.44
CA GLU A 121 -40.02 -30.01 15.86
C GLU A 121 -40.88 -28.79 16.22
N VAL A 122 -40.80 -27.74 15.40
CA VAL A 122 -41.60 -26.56 15.71
C VAL A 122 -43.08 -26.82 15.49
N LEU A 123 -43.43 -27.68 14.52
CA LEU A 123 -44.83 -28.01 14.30
C LEU A 123 -45.40 -28.83 15.44
N LYS A 124 -44.67 -29.85 15.88
CA LYS A 124 -45.19 -30.75 16.89
C LYS A 124 -45.22 -30.09 18.27
N LYS A 125 -44.22 -29.27 18.58
CA LYS A 125 -44.06 -28.75 19.93
C LYS A 125 -44.60 -27.33 20.12
N ASN A 126 -44.59 -26.50 19.08
CA ASN A 126 -45.19 -25.16 19.19
C ASN A 126 -45.76 -24.77 17.83
N CYS A 127 -47.01 -25.16 17.59
CA CYS A 127 -47.57 -25.05 16.25
C CYS A 127 -48.02 -23.62 15.98
N PRO A 128 -47.57 -23.00 14.88
CA PRO A 128 -47.97 -21.63 14.57
C PRO A 128 -49.33 -21.57 13.90
N HIS A 129 -49.88 -20.35 13.85
CA HIS A 129 -51.13 -20.12 13.13
C HIS A 129 -50.90 -19.68 11.69
N ILE A 130 -49.73 -19.10 11.41
CA ILE A 130 -49.37 -18.61 10.08
C ILE A 130 -48.05 -19.25 9.69
N VAL A 131 -47.99 -19.82 8.48
CA VAL A 131 -46.79 -20.44 7.95
C VAL A 131 -46.40 -19.74 6.66
N VAL A 132 -45.14 -19.36 6.56
CA VAL A 132 -44.55 -18.81 5.33
C VAL A 132 -43.49 -19.80 4.86
N GLY A 133 -43.46 -20.05 3.55
CA GLY A 133 -42.48 -21.03 3.09
C GLY A 133 -42.34 -21.05 1.59
N THR A 134 -41.42 -21.87 1.14
CA THR A 134 -41.20 -22.15 -0.26
C THR A 134 -41.81 -23.48 -0.65
N PRO A 135 -42.30 -23.63 -1.89
CA PRO A 135 -43.16 -24.79 -2.22
C PRO A 135 -42.49 -26.14 -1.96
N GLY A 136 -41.18 -26.26 -2.13
CA GLY A 136 -40.53 -27.55 -1.95
C GLY A 136 -40.58 -28.05 -0.51
N ARG A 137 -40.17 -27.20 0.43
CA ARG A 137 -40.19 -27.61 1.84
C ARG A 137 -41.62 -27.76 2.35
N ILE A 138 -42.52 -26.88 1.91
CA ILE A 138 -43.92 -26.98 2.34
C ILE A 138 -44.52 -28.29 1.87
N LEU A 139 -44.26 -28.67 0.61
CA LEU A 139 -44.78 -29.94 0.10
C LEU A 139 -44.24 -31.13 0.87
N ALA A 140 -42.95 -31.11 1.21
CA ALA A 140 -42.37 -32.21 1.97
C ALA A 140 -42.99 -32.32 3.36
N LEU A 141 -43.19 -31.19 4.03
CA LEU A 141 -43.79 -31.22 5.36
C LEU A 141 -45.25 -31.67 5.31
N ALA A 142 -45.96 -31.36 4.22
CA ALA A 142 -47.35 -31.78 4.09
C ALA A 142 -47.48 -33.26 3.74
N ARG A 143 -46.54 -33.80 2.96
CA ARG A 143 -46.61 -35.21 2.58
C ARG A 143 -46.29 -36.13 3.76
N ASN A 144 -45.31 -35.77 4.58
CA ASN A 144 -45.01 -36.60 5.74
C ASN A 144 -45.94 -36.33 6.91
N LYS A 145 -46.93 -35.45 6.73
CA LYS A 145 -48.05 -35.15 7.62
C LYS A 145 -47.65 -34.32 8.84
N SER A 146 -46.41 -33.84 8.92
CA SER A 146 -46.04 -32.91 9.98
C SER A 146 -46.84 -31.61 9.86
N LEU A 147 -47.06 -31.16 8.62
CA LEU A 147 -47.82 -29.95 8.34
C LEU A 147 -49.25 -30.36 7.97
N ASN A 148 -50.22 -29.87 8.73
CA ASN A 148 -51.63 -30.15 8.47
C ASN A 148 -52.23 -28.94 7.75
N LEU A 149 -52.69 -29.16 6.52
CA LEU A 149 -53.22 -28.11 5.67
C LEU A 149 -54.74 -28.09 5.62
N LYS A 150 -55.41 -28.88 6.47
CA LYS A 150 -56.86 -29.03 6.43
C LYS A 150 -57.61 -27.92 7.13
N HIS A 151 -56.91 -26.99 7.79
CA HIS A 151 -57.55 -25.90 8.51
C HIS A 151 -57.29 -24.54 7.89
N ILE A 152 -56.51 -24.45 6.81
CA ILE A 152 -56.11 -23.14 6.31
C ILE A 152 -57.32 -22.43 5.71
N LYS A 153 -57.42 -21.13 5.98
CA LYS A 153 -58.50 -20.31 5.47
C LYS A 153 -58.01 -19.17 4.59
N HIS A 154 -56.69 -19.03 4.44
CA HIS A 154 -56.09 -17.99 3.62
C HIS A 154 -54.85 -18.54 2.95
N PHE A 155 -54.76 -18.39 1.63
CA PHE A 155 -53.73 -19.00 0.81
C PHE A 155 -53.14 -17.90 -0.07
N ILE A 156 -51.89 -17.52 0.21
CA ILE A 156 -51.29 -16.33 -0.39
C ILE A 156 -50.07 -16.76 -1.21
N LEU A 157 -49.99 -16.26 -2.45
CA LEU A 157 -48.82 -16.42 -3.30
C LEU A 157 -48.24 -15.05 -3.61
N ASP A 158 -46.96 -14.86 -3.32
CA ASP A 158 -46.26 -13.62 -3.63
C ASP A 158 -45.27 -13.87 -4.76
N GLU A 159 -45.07 -12.86 -5.61
CA GLU A 159 -44.37 -13.05 -6.88
C GLU A 159 -45.02 -14.17 -7.68
N CYS A 160 -46.36 -14.13 -7.75
CA CYS A 160 -47.15 -15.27 -8.20
C CYS A 160 -46.87 -15.65 -9.65
N ASP A 161 -46.59 -14.66 -10.51
CA ASP A 161 -46.32 -14.99 -11.91
C ASP A 161 -45.05 -15.84 -12.04
N LYS A 162 -43.98 -15.45 -11.36
CA LYS A 162 -42.74 -16.23 -11.39
C LYS A 162 -42.96 -17.60 -10.78
N MET A 163 -43.78 -17.67 -9.73
CA MET A 163 -44.01 -18.92 -9.03
C MET A 163 -44.81 -19.91 -9.87
N LEU A 164 -45.66 -19.42 -10.78
CA LEU A 164 -46.46 -20.28 -11.64
C LEU A 164 -45.93 -20.39 -13.06
N GLU A 165 -45.02 -19.50 -13.48
CA GLU A 165 -44.38 -19.68 -14.78
C GLU A 165 -43.41 -20.86 -14.77
N GLN A 166 -42.84 -21.18 -13.60
CA GLN A 166 -42.01 -22.37 -13.44
C GLN A 166 -42.93 -23.58 -13.34
N LEU A 167 -42.90 -24.43 -14.38
CA LEU A 167 -43.80 -25.59 -14.43
C LEU A 167 -43.57 -26.53 -13.24
N ASP A 168 -42.30 -26.77 -12.89
CA ASP A 168 -42.01 -27.60 -11.72
C ASP A 168 -42.59 -26.99 -10.46
N MET A 169 -42.42 -25.68 -10.28
CA MET A 169 -42.95 -25.04 -9.09
C MET A 169 -44.46 -24.90 -9.15
N ARG A 170 -45.02 -24.69 -10.34
CA ARG A 170 -46.49 -24.67 -10.48
C ARG A 170 -47.10 -26.00 -10.07
N ARG A 171 -46.46 -27.11 -10.47
CA ARG A 171 -46.97 -28.44 -10.13
C ARG A 171 -46.96 -28.66 -8.63
N ASP A 172 -45.90 -28.21 -7.95
CA ASP A 172 -45.83 -28.36 -6.49
C ASP A 172 -46.87 -27.49 -5.80
N VAL A 173 -47.05 -26.26 -6.27
CA VAL A 173 -48.07 -25.39 -5.69
C VAL A 173 -49.46 -25.97 -5.89
N GLN A 174 -49.71 -26.54 -7.07
CA GLN A 174 -51.02 -27.14 -7.32
C GLN A 174 -51.29 -28.31 -6.37
N GLU A 175 -50.27 -29.13 -6.10
CA GLU A 175 -50.45 -30.25 -5.19
C GLU A 175 -50.67 -29.77 -3.76
N ILE A 176 -49.97 -28.71 -3.36
CA ILE A 176 -50.20 -28.12 -2.04
C ILE A 176 -51.61 -27.55 -1.95
N PHE A 177 -52.06 -26.90 -3.03
CA PHE A 177 -53.40 -26.32 -3.03
C PHE A 177 -54.46 -27.39 -2.85
N ARG A 178 -54.32 -28.52 -3.55
CA ARG A 178 -55.33 -29.58 -3.49
C ARG A 178 -55.45 -30.21 -2.10
N MET A 179 -54.46 -29.99 -1.23
CA MET A 179 -54.51 -30.48 0.15
C MET A 179 -55.21 -29.51 1.09
N THR A 180 -55.74 -28.40 0.59
CA THR A 180 -56.32 -27.36 1.40
C THR A 180 -57.84 -27.28 1.17
N PRO A 181 -58.59 -26.76 2.14
CA PRO A 181 -60.05 -26.69 2.00
C PRO A 181 -60.47 -25.82 0.83
N HIS A 182 -61.62 -26.17 0.25
CA HIS A 182 -62.18 -25.40 -0.86
C HIS A 182 -62.70 -24.04 -0.38
N GLU A 183 -63.26 -23.99 0.83
CA GLU A 183 -63.77 -22.76 1.41
C GLU A 183 -62.60 -22.02 2.03
N LYS A 184 -61.97 -21.14 1.25
CA LYS A 184 -60.86 -20.34 1.74
C LYS A 184 -60.67 -19.14 0.83
N GLN A 185 -59.90 -18.18 1.34
CA GLN A 185 -59.51 -16.98 0.59
C GLN A 185 -58.15 -17.21 -0.05
N VAL A 186 -58.05 -16.91 -1.35
CA VAL A 186 -56.81 -17.00 -2.10
C VAL A 186 -56.49 -15.62 -2.65
N MET A 187 -55.25 -15.17 -2.42
CA MET A 187 -54.77 -13.89 -2.90
C MET A 187 -53.38 -14.06 -3.49
N MET A 188 -53.15 -13.45 -4.65
CA MET A 188 -51.88 -13.52 -5.35
C MET A 188 -51.42 -12.11 -5.71
N PHE A 189 -50.12 -11.87 -5.55
CA PHE A 189 -49.52 -10.56 -5.72
C PHE A 189 -48.25 -10.67 -6.54
N SER A 190 -48.00 -9.64 -7.35
CA SER A 190 -46.82 -9.48 -8.18
C SER A 190 -46.87 -8.11 -8.82
N ALA A 191 -45.72 -7.68 -9.32
CA ALA A 191 -45.62 -6.46 -10.10
C ALA A 191 -45.78 -6.70 -11.60
N THR A 192 -45.74 -7.96 -12.03
CA THR A 192 -45.88 -8.34 -13.43
C THR A 192 -46.87 -9.48 -13.53
N LEU A 193 -47.88 -9.31 -14.38
CA LEU A 193 -48.90 -10.34 -14.63
C LEU A 193 -49.12 -10.40 -16.14
N SER A 194 -48.49 -11.36 -16.79
CA SER A 194 -48.63 -11.54 -18.22
C SER A 194 -50.06 -11.94 -18.57
N LYS A 195 -50.44 -11.67 -19.82
CA LYS A 195 -51.76 -12.07 -20.29
C LYS A 195 -51.93 -13.58 -20.18
N GLU A 196 -50.86 -14.33 -20.44
CA GLU A 196 -50.95 -15.80 -20.46
C GLU A 196 -51.06 -16.38 -19.05
N ILE A 197 -50.46 -15.73 -18.06
CA ILE A 197 -50.46 -16.30 -16.71
C ILE A 197 -51.66 -15.90 -15.88
N ARG A 198 -52.40 -14.85 -16.28
CA ARG A 198 -53.59 -14.45 -15.55
C ARG A 198 -54.63 -15.54 -15.43
N PRO A 199 -55.01 -16.26 -16.50
CA PRO A 199 -55.95 -17.38 -16.32
C PRO A 199 -55.41 -18.47 -15.42
N VAL A 200 -54.08 -18.70 -15.41
CA VAL A 200 -53.50 -19.72 -14.53
C VAL A 200 -53.73 -19.36 -13.07
N CYS A 201 -53.46 -18.09 -12.72
CA CYS A 201 -53.79 -17.62 -11.37
C CYS A 201 -55.29 -17.71 -11.11
N ARG A 202 -56.10 -17.35 -12.12
CA ARG A 202 -57.55 -17.29 -11.93
C ARG A 202 -58.15 -18.66 -11.63
N LYS A 203 -57.52 -19.75 -12.12
CA LYS A 203 -58.02 -21.08 -11.85
C LYS A 203 -57.91 -21.48 -10.38
N PHE A 204 -57.12 -20.76 -9.58
CA PHE A 204 -57.08 -20.97 -8.15
C PHE A 204 -58.15 -20.18 -7.40
N MET A 205 -58.86 -19.28 -8.07
CA MET A 205 -59.73 -18.34 -7.42
C MET A 205 -61.17 -18.53 -7.90
N GLN A 206 -62.10 -17.92 -7.16
CA GLN A 206 -63.51 -17.92 -7.50
C GLN A 206 -64.02 -16.49 -7.40
N ASP A 207 -64.45 -15.94 -8.54
CA ASP A 207 -64.91 -14.55 -8.70
C ASP A 207 -64.06 -13.57 -7.90
N PRO A 208 -62.79 -13.39 -8.26
CA PRO A 208 -61.93 -12.49 -7.48
C PRO A 208 -61.96 -11.06 -7.98
N MET A 209 -61.63 -10.15 -7.06
CA MET A 209 -61.29 -8.79 -7.45
C MET A 209 -59.98 -8.81 -8.22
N GLU A 210 -59.96 -8.14 -9.38
CA GLU A 210 -58.83 -8.12 -10.29
C GLU A 210 -58.27 -6.71 -10.37
N ILE A 211 -57.00 -6.57 -10.03
CA ILE A 211 -56.27 -5.31 -10.07
C ILE A 211 -55.18 -5.49 -11.11
N PHE A 212 -55.39 -4.93 -12.30
CA PHE A 212 -54.45 -5.10 -13.41
C PHE A 212 -53.81 -3.77 -13.77
N VAL A 213 -52.57 -3.83 -14.23
CA VAL A 213 -51.90 -2.66 -14.80
C VAL A 213 -51.72 -2.92 -16.28
N ASP A 214 -52.69 -2.50 -17.09
CA ASP A 214 -52.63 -2.73 -18.53
C ASP A 214 -51.93 -1.60 -19.28
N ASP A 215 -51.77 -0.44 -18.65
CA ASP A 215 -50.91 0.62 -19.17
C ASP A 215 -49.56 0.45 -18.47
N GLU A 216 -48.67 -0.32 -19.11
CA GLU A 216 -47.41 -0.67 -18.48
C GLU A 216 -46.44 0.51 -18.39
N THR A 217 -46.78 1.64 -19.01
CA THR A 217 -45.96 2.84 -18.85
C THR A 217 -45.96 3.38 -17.42
N LYS A 218 -46.98 3.03 -16.62
CA LYS A 218 -47.03 3.45 -15.23
C LYS A 218 -46.53 2.38 -14.28
N LEU A 219 -45.86 1.35 -14.80
CA LEU A 219 -45.11 0.41 -13.98
C LEU A 219 -43.68 0.86 -13.72
N THR A 220 -43.19 1.83 -14.47
CA THR A 220 -41.84 2.34 -14.25
C THR A 220 -41.82 3.25 -13.03
N LEU A 221 -40.65 3.31 -12.40
CA LEU A 221 -40.42 4.15 -11.23
C LEU A 221 -39.71 5.41 -11.72
N HIS A 222 -40.47 6.50 -11.88
CA HIS A 222 -39.90 7.72 -12.40
C HIS A 222 -38.93 8.38 -11.41
N GLY A 223 -38.86 7.88 -10.18
CA GLY A 223 -37.85 8.29 -9.22
C GLY A 223 -36.52 7.61 -9.40
N LEU A 224 -36.38 6.78 -10.44
CA LEU A 224 -35.13 6.09 -10.75
C LEU A 224 -34.48 6.75 -11.95
N GLN A 225 -33.18 7.01 -11.85
CA GLN A 225 -32.36 7.37 -12.99
C GLN A 225 -31.83 6.08 -13.62
N GLN A 226 -32.09 5.90 -14.91
CA GLN A 226 -31.79 4.64 -15.59
C GLN A 226 -30.84 4.93 -16.75
N TYR A 227 -29.63 4.38 -16.67
CA TYR A 227 -28.61 4.60 -17.68
C TYR A 227 -28.05 3.26 -18.14
N TYR A 228 -27.24 3.30 -19.19
CA TYR A 228 -26.54 2.13 -19.68
C TYR A 228 -25.19 2.54 -20.20
N VAL A 229 -24.27 1.58 -20.24
CA VAL A 229 -22.96 1.77 -20.87
C VAL A 229 -22.71 0.59 -21.80
N LYS A 230 -22.23 0.88 -23.01
CA LYS A 230 -21.89 -0.18 -23.96
C LYS A 230 -20.48 -0.67 -23.67
N LEU A 231 -20.36 -1.97 -23.44
CA LEU A 231 -19.14 -2.55 -22.92
C LEU A 231 -19.02 -3.98 -23.42
N LYS A 232 -17.79 -4.45 -23.60
CA LYS A 232 -17.58 -5.87 -23.78
C LYS A 232 -17.24 -6.50 -22.43
N ASP A 233 -17.38 -7.83 -22.38
CA ASP A 233 -17.22 -8.54 -21.11
C ASP A 233 -15.85 -8.31 -20.49
N ASN A 234 -14.82 -8.08 -21.32
CA ASN A 234 -13.48 -7.78 -20.78
C ASN A 234 -13.46 -6.47 -20.02
N GLU A 235 -14.18 -5.46 -20.53
CA GLU A 235 -14.16 -4.12 -19.95
C GLU A 235 -15.10 -3.97 -18.77
N LYS A 236 -15.98 -4.95 -18.52
CA LYS A 236 -16.99 -4.81 -17.47
C LYS A 236 -16.34 -4.64 -16.11
N ASN A 237 -15.25 -5.35 -15.86
CA ASN A 237 -14.72 -5.47 -14.50
C ASN A 237 -14.24 -4.13 -13.95
N ARG A 238 -13.46 -3.38 -14.74
CA ARG A 238 -12.90 -2.14 -14.21
C ARG A 238 -13.80 -0.93 -14.43
N LYS A 239 -14.68 -0.95 -15.43
CA LYS A 239 -15.70 0.08 -15.49
C LYS A 239 -16.55 0.05 -14.23
N LEU A 240 -16.86 -1.16 -13.75
CA LEU A 240 -17.52 -1.30 -12.46
C LEU A 240 -16.64 -0.81 -11.31
N PHE A 241 -15.33 -1.10 -11.38
CA PHE A 241 -14.42 -0.65 -10.33
C PHE A 241 -14.41 0.86 -10.20
N ASP A 242 -14.35 1.57 -11.34
CA ASP A 242 -14.30 3.03 -11.28
C ASP A 242 -15.65 3.60 -10.88
N LEU A 243 -16.74 2.98 -11.33
CA LEU A 243 -18.07 3.43 -10.94
C LEU A 243 -18.27 3.26 -9.43
N LEU A 244 -17.78 2.15 -8.87
CA LEU A 244 -17.86 1.97 -7.42
C LEU A 244 -16.99 2.96 -6.67
N ASP A 245 -15.91 3.43 -7.29
CA ASP A 245 -15.11 4.47 -6.65
C ASP A 245 -15.79 5.84 -6.73
N VAL A 246 -16.36 6.18 -7.89
CA VAL A 246 -16.79 7.55 -8.14
C VAL A 246 -18.14 7.84 -7.46
N LEU A 247 -19.08 6.92 -7.58
CA LEU A 247 -20.45 7.15 -7.13
C LEU A 247 -20.56 6.96 -5.62
N GLU A 248 -21.07 7.99 -4.93
CA GLU A 248 -21.41 7.83 -3.52
C GLU A 248 -22.68 7.00 -3.39
N PHE A 249 -22.73 6.18 -2.36
CA PHE A 249 -23.90 5.33 -2.15
C PHE A 249 -23.90 4.80 -0.72
N ASN A 250 -25.09 4.45 -0.24
CA ASN A 250 -25.22 3.70 1.00
C ASN A 250 -25.07 2.21 0.76
N GLN A 251 -25.77 1.69 -0.25
CA GLN A 251 -25.71 0.27 -0.55
C GLN A 251 -25.94 0.08 -2.04
N VAL A 252 -25.32 -0.96 -2.60
CA VAL A 252 -25.51 -1.33 -4.00
C VAL A 252 -25.77 -2.83 -4.07
N VAL A 253 -26.47 -3.24 -5.13
CA VAL A 253 -26.61 -4.64 -5.50
C VAL A 253 -26.14 -4.80 -6.94
N ILE A 254 -25.27 -5.78 -7.17
CA ILE A 254 -24.65 -6.01 -8.48
C ILE A 254 -25.12 -7.38 -8.97
N PHE A 255 -25.87 -7.38 -10.07
CA PHE A 255 -26.51 -8.58 -10.60
C PHE A 255 -25.68 -9.21 -11.71
N VAL A 256 -25.55 -10.53 -11.67
CA VAL A 256 -24.85 -11.31 -12.68
C VAL A 256 -25.80 -12.43 -13.15
N LYS A 257 -25.38 -13.13 -14.21
CA LYS A 257 -26.24 -14.10 -14.88
C LYS A 257 -26.05 -15.54 -14.41
N SER A 258 -25.14 -15.79 -13.47
CA SER A 258 -24.93 -17.18 -13.07
C SER A 258 -24.26 -17.23 -11.71
N VAL A 259 -24.40 -18.40 -11.07
CA VAL A 259 -23.77 -18.63 -9.77
C VAL A 259 -22.25 -18.52 -9.88
N GLN A 260 -21.68 -19.13 -10.92
CA GLN A 260 -20.22 -19.10 -11.08
C GLN A 260 -19.72 -17.68 -11.27
N ARG A 261 -20.45 -16.86 -12.03
CA ARG A 261 -20.05 -15.46 -12.18
C ARG A 261 -20.23 -14.68 -10.90
N CYS A 262 -21.23 -15.07 -10.10
CA CYS A 262 -21.44 -14.38 -8.83
C CYS A 262 -20.30 -14.63 -7.86
N ILE A 263 -19.79 -15.86 -7.84
CA ILE A 263 -18.67 -16.18 -6.96
C ILE A 263 -17.42 -15.44 -7.41
N ALA A 264 -17.11 -15.50 -8.71
CA ALA A 264 -15.86 -14.92 -9.20
C ALA A 264 -15.84 -13.41 -9.02
N LEU A 265 -16.91 -12.72 -9.44
CA LEU A 265 -16.93 -11.27 -9.34
C LEU A 265 -16.85 -10.81 -7.88
N ALA A 266 -17.56 -11.48 -6.98
CA ALA A 266 -17.46 -11.12 -5.56
C ALA A 266 -16.03 -11.32 -5.05
N GLN A 267 -15.42 -12.46 -5.37
CA GLN A 267 -14.06 -12.72 -4.92
C GLN A 267 -13.08 -11.68 -5.48
N LEU A 268 -13.22 -11.33 -6.75
CA LEU A 268 -12.36 -10.31 -7.34
C LEU A 268 -12.55 -8.96 -6.69
N LEU A 269 -13.79 -8.61 -6.32
CA LEU A 269 -14.06 -7.33 -5.68
C LEU A 269 -13.39 -7.23 -4.33
N VAL A 270 -13.41 -8.31 -3.54
CA VAL A 270 -12.75 -8.29 -2.24
C VAL A 270 -11.25 -8.06 -2.41
N GLU A 271 -10.64 -8.63 -3.45
CA GLU A 271 -9.21 -8.46 -3.67
C GLU A 271 -8.86 -7.08 -4.19
N GLN A 272 -9.83 -6.33 -4.72
CA GLN A 272 -9.66 -4.90 -4.92
C GLN A 272 -10.02 -4.12 -3.67
N ASN A 273 -10.20 -4.80 -2.55
CA ASN A 273 -10.64 -4.24 -1.28
C ASN A 273 -11.91 -3.40 -1.43
N PHE A 274 -12.87 -3.97 -2.16
CA PHE A 274 -14.27 -3.60 -1.99
C PHE A 274 -14.89 -4.62 -1.05
N PRO A 275 -15.44 -4.21 0.09
CA PRO A 275 -15.98 -5.19 1.04
C PRO A 275 -17.27 -5.83 0.53
N ALA A 276 -17.16 -6.59 -0.55
CA ALA A 276 -18.31 -7.16 -1.22
C ALA A 276 -18.68 -8.50 -0.61
N ILE A 277 -19.98 -8.80 -0.64
CA ILE A 277 -20.50 -10.10 -0.25
C ILE A 277 -21.34 -10.63 -1.40
N ALA A 278 -21.56 -11.93 -1.38
CA ALA A 278 -22.29 -12.60 -2.44
C ALA A 278 -23.39 -13.48 -1.84
N ILE A 279 -24.55 -13.51 -2.49
CA ILE A 279 -25.61 -14.46 -2.17
C ILE A 279 -26.07 -15.14 -3.45
N HIS A 280 -26.26 -16.46 -3.36
CA HIS A 280 -26.60 -17.29 -4.52
C HIS A 280 -26.94 -18.69 -4.02
N ARG A 281 -27.61 -19.46 -4.87
CA ARG A 281 -27.83 -20.87 -4.56
C ARG A 281 -26.49 -21.60 -4.55
N GLY A 282 -26.38 -22.59 -3.68
CA GLY A 282 -25.13 -23.29 -3.46
C GLY A 282 -24.37 -22.81 -2.24
N MET A 283 -24.57 -21.57 -1.82
CA MET A 283 -24.18 -21.20 -0.47
C MET A 283 -25.02 -21.98 0.52
N PRO A 284 -24.43 -22.52 1.59
CA PRO A 284 -25.26 -23.14 2.63
C PRO A 284 -26.27 -22.15 3.17
N GLN A 285 -27.48 -22.64 3.46
CA GLN A 285 -28.59 -21.74 3.81
C GLN A 285 -28.27 -20.92 5.05
N GLU A 286 -27.55 -21.47 6.02
CA GLU A 286 -27.14 -20.67 7.17
C GLU A 286 -26.26 -19.52 6.72
N GLU A 287 -25.32 -19.80 5.81
CA GLU A 287 -24.49 -18.72 5.28
C GLU A 287 -25.33 -17.74 4.45
N ARG A 288 -26.27 -18.26 3.65
CA ARG A 288 -27.16 -17.40 2.88
C ARG A 288 -27.97 -16.47 3.79
N LEU A 289 -28.60 -17.03 4.83
CA LEU A 289 -29.42 -16.20 5.71
C LEU A 289 -28.58 -15.19 6.47
N SER A 290 -27.49 -15.65 7.09
CA SER A 290 -26.63 -14.75 7.84
C SER A 290 -26.05 -13.67 6.93
N ARG A 291 -25.69 -14.02 5.70
CA ARG A 291 -25.24 -13.02 4.74
C ARG A 291 -26.36 -12.07 4.39
N TYR A 292 -27.57 -12.60 4.17
CA TYR A 292 -28.71 -11.74 3.88
C TYR A 292 -29.02 -10.81 5.04
N GLN A 293 -28.95 -11.33 6.27
CA GLN A 293 -29.36 -10.53 7.42
C GLN A 293 -28.43 -9.33 7.63
N GLN A 294 -27.12 -9.56 7.54
CA GLN A 294 -26.17 -8.47 7.76
C GLN A 294 -26.27 -7.40 6.66
N PHE A 295 -26.59 -7.79 5.43
CA PHE A 295 -26.79 -6.81 4.38
C PHE A 295 -27.98 -5.91 4.69
N LYS A 296 -29.07 -6.49 5.20
CA LYS A 296 -30.21 -5.67 5.61
C LYS A 296 -29.94 -4.96 6.93
N ASP A 297 -29.03 -5.47 7.75
CA ASP A 297 -28.60 -4.81 8.97
C ASP A 297 -27.58 -3.70 8.72
N PHE A 298 -27.29 -3.40 7.45
CA PHE A 298 -26.35 -2.35 7.07
C PHE A 298 -24.92 -2.68 7.51
N GLN A 299 -24.62 -3.98 7.64
CA GLN A 299 -23.26 -4.39 7.96
C GLN A 299 -22.35 -4.32 6.74
N ARG A 300 -22.88 -4.55 5.54
CA ARG A 300 -22.09 -4.51 4.32
C ARG A 300 -22.77 -3.61 3.31
N ARG A 301 -21.97 -3.08 2.39
CA ARG A 301 -22.45 -2.11 1.41
C ARG A 301 -22.60 -2.65 0.01
N ILE A 302 -21.85 -3.69 -0.35
CA ILE A 302 -21.80 -4.18 -1.74
C ILE A 302 -22.25 -5.63 -1.75
N LEU A 303 -23.30 -5.90 -2.53
CA LEU A 303 -23.85 -7.25 -2.66
C LEU A 303 -23.83 -7.67 -4.12
N VAL A 304 -23.24 -8.84 -4.39
CA VAL A 304 -23.26 -9.45 -5.72
C VAL A 304 -24.25 -10.60 -5.67
N ALA A 305 -25.15 -10.67 -6.64
CA ALA A 305 -26.25 -11.61 -6.56
C ALA A 305 -26.62 -12.15 -7.94
N THR A 306 -27.19 -13.34 -7.93
CA THR A 306 -27.92 -13.85 -9.08
C THR A 306 -29.34 -13.28 -9.03
N ASN A 307 -30.25 -13.82 -9.84
CA ASN A 307 -31.64 -13.42 -9.76
C ASN A 307 -32.30 -13.87 -8.46
N LEU A 308 -31.62 -14.68 -7.64
CA LEU A 308 -32.12 -15.03 -6.31
C LEU A 308 -32.55 -13.79 -5.53
N PHE A 309 -31.85 -12.68 -5.73
CA PHE A 309 -32.15 -11.40 -5.10
C PHE A 309 -32.88 -10.45 -6.05
N GLY A 310 -33.30 -10.93 -7.22
CA GLY A 310 -33.81 -10.07 -8.27
C GLY A 310 -35.23 -9.55 -8.08
N ARG A 311 -36.02 -10.15 -7.20
CA ARG A 311 -37.32 -9.57 -6.90
C ARG A 311 -37.66 -9.78 -5.43
N GLY A 312 -38.59 -8.97 -4.94
CA GLY A 312 -39.08 -9.04 -3.57
C GLY A 312 -38.22 -8.40 -2.48
N MET A 313 -36.90 -8.51 -2.62
CA MET A 313 -35.98 -8.07 -1.58
C MET A 313 -36.17 -6.59 -1.25
N ASP A 314 -36.25 -6.28 0.05
CA ASP A 314 -36.60 -4.95 0.54
C ASP A 314 -35.51 -4.48 1.50
N ILE A 315 -34.47 -3.86 0.96
CA ILE A 315 -33.41 -3.24 1.74
C ILE A 315 -33.50 -1.74 1.51
N GLU A 316 -33.64 -0.98 2.59
CA GLU A 316 -33.99 0.43 2.49
C GLU A 316 -32.92 1.24 1.76
N ARG A 317 -31.65 1.02 2.09
CA ARG A 317 -30.61 1.94 1.69
C ARG A 317 -29.90 1.53 0.39
N VAL A 318 -30.49 0.63 -0.39
CA VAL A 318 -29.94 0.30 -1.71
C VAL A 318 -30.21 1.48 -2.63
N ASN A 319 -29.16 2.24 -2.95
CA ASN A 319 -29.32 3.40 -3.81
C ASN A 319 -29.04 3.09 -5.27
N ILE A 320 -28.16 2.14 -5.56
CA ILE A 320 -27.79 1.79 -6.92
C ILE A 320 -28.06 0.32 -7.16
N ALA A 321 -28.52 0.00 -8.36
CA ALA A 321 -28.68 -1.37 -8.81
C ALA A 321 -27.86 -1.55 -10.08
N PHE A 322 -26.95 -2.51 -10.07
CA PHE A 322 -26.04 -2.72 -11.18
C PHE A 322 -26.46 -3.96 -11.97
N ASN A 323 -26.63 -3.79 -13.28
CA ASN A 323 -26.82 -4.91 -14.19
C ASN A 323 -25.48 -5.25 -14.82
N TYR A 324 -24.64 -5.94 -14.06
CA TYR A 324 -23.33 -6.34 -14.58
C TYR A 324 -23.50 -7.24 -15.80
N ASP A 325 -24.42 -8.19 -15.72
CA ASP A 325 -24.86 -8.97 -16.86
C ASP A 325 -26.28 -8.55 -17.20
N MET A 326 -26.57 -8.46 -18.49
CA MET A 326 -27.89 -8.04 -18.93
C MET A 326 -28.95 -9.00 -18.37
N PRO A 327 -30.04 -8.49 -17.80
CA PRO A 327 -31.15 -9.37 -17.44
C PRO A 327 -31.71 -10.04 -18.68
N GLU A 328 -32.20 -11.27 -18.50
CA GLU A 328 -32.62 -12.09 -19.63
C GLU A 328 -33.84 -11.51 -20.36
N ASP A 329 -34.78 -10.89 -19.65
CA ASP A 329 -35.97 -10.33 -20.29
C ASP A 329 -36.40 -9.05 -19.59
N SER A 330 -37.48 -8.45 -20.09
CA SER A 330 -37.92 -7.16 -19.57
C SER A 330 -38.54 -7.29 -18.18
N ASP A 331 -39.20 -8.40 -17.87
CA ASP A 331 -39.71 -8.60 -16.51
C ASP A 331 -38.57 -8.62 -15.50
N THR A 332 -37.55 -9.44 -15.78
CA THR A 332 -36.40 -9.51 -14.88
C THR A 332 -35.76 -8.14 -14.70
N TYR A 333 -35.66 -7.36 -15.78
CA TYR A 333 -35.14 -6.00 -15.65
C TYR A 333 -36.00 -5.16 -14.71
N LEU A 334 -37.34 -5.26 -14.86
CA LEU A 334 -38.23 -4.44 -14.05
C LEU A 334 -38.06 -4.74 -12.57
N HIS A 335 -38.13 -6.02 -12.18
CA HIS A 335 -37.97 -6.40 -10.79
C HIS A 335 -36.56 -6.09 -10.28
N ARG A 336 -35.53 -6.38 -11.09
CA ARG A 336 -34.15 -6.23 -10.64
C ARG A 336 -33.84 -4.78 -10.32
N VAL A 337 -34.12 -3.88 -11.27
CA VAL A 337 -33.82 -2.47 -11.10
C VAL A 337 -34.62 -1.89 -9.95
N ALA A 338 -35.72 -2.54 -9.56
CA ALA A 338 -36.58 -2.05 -8.49
C ALA A 338 -36.11 -2.46 -7.10
N ARG A 339 -34.97 -3.15 -6.97
CA ARG A 339 -34.42 -3.36 -5.64
C ARG A 339 -33.92 -2.06 -5.02
N ALA A 340 -33.71 -1.03 -5.83
CA ALA A 340 -33.31 0.28 -5.33
C ALA A 340 -34.47 1.25 -5.41
N GLY A 341 -34.38 2.31 -4.62
CA GLY A 341 -35.43 3.33 -4.63
C GLY A 341 -36.77 2.81 -4.14
N ARG A 342 -36.76 2.04 -3.06
CA ARG A 342 -37.98 1.41 -2.59
C ARG A 342 -39.00 2.46 -2.14
N PHE A 343 -40.26 2.21 -2.47
CA PHE A 343 -41.39 3.09 -2.14
C PHE A 343 -41.17 4.51 -2.66
N GLY A 344 -40.86 4.62 -3.95
CA GLY A 344 -40.83 5.90 -4.63
C GLY A 344 -39.59 6.74 -4.39
N THR A 345 -38.64 6.27 -3.58
CA THR A 345 -37.47 7.08 -3.30
C THR A 345 -36.53 7.09 -4.51
N LYS A 346 -35.51 7.94 -4.44
CA LYS A 346 -34.62 8.16 -5.56
C LYS A 346 -33.47 7.15 -5.53
N GLY A 347 -33.18 6.58 -6.70
CA GLY A 347 -32.10 5.63 -6.84
C GLY A 347 -31.41 5.73 -8.19
N LEU A 348 -30.49 4.81 -8.46
CA LEU A 348 -29.73 4.81 -9.70
C LEU A 348 -29.75 3.40 -10.28
N ALA A 349 -29.86 3.31 -11.61
CA ALA A 349 -29.85 2.04 -12.32
C ALA A 349 -28.87 2.12 -13.46
N ILE A 350 -27.93 1.18 -13.52
CA ILE A 350 -26.89 1.13 -14.53
C ILE A 350 -26.84 -0.27 -15.11
N THR A 351 -26.92 -0.37 -16.43
CA THR A 351 -26.97 -1.65 -17.14
C THR A 351 -25.80 -1.75 -18.12
N PHE A 352 -25.09 -2.87 -18.07
CA PHE A 352 -23.98 -3.14 -18.99
C PHE A 352 -24.53 -3.88 -20.20
N VAL A 353 -24.35 -3.31 -21.40
CA VAL A 353 -24.80 -3.91 -22.63
C VAL A 353 -23.59 -4.52 -23.34
N SER A 354 -23.59 -5.84 -23.47
CA SER A 354 -22.41 -6.58 -23.94
C SER A 354 -22.39 -6.75 -25.46
N ASP A 355 -23.44 -7.35 -26.00
CA ASP A 355 -23.54 -7.63 -27.44
C ASP A 355 -24.79 -6.96 -28.00
N GLU A 356 -25.06 -7.24 -29.28
CA GLU A 356 -26.24 -6.67 -29.92
C GLU A 356 -27.53 -7.21 -29.31
N ASN A 357 -27.53 -8.48 -28.90
CA ASN A 357 -28.72 -9.06 -28.28
C ASN A 357 -29.06 -8.35 -26.97
N ASP A 358 -28.04 -7.96 -26.20
CA ASP A 358 -28.27 -7.18 -25.00
C ASP A 358 -28.93 -5.84 -25.34
N ALA A 359 -28.47 -5.19 -26.42
CA ALA A 359 -29.09 -3.94 -26.83
C ALA A 359 -30.54 -4.15 -27.25
N LYS A 360 -30.82 -5.27 -27.94
CA LYS A 360 -32.19 -5.59 -28.31
C LYS A 360 -33.06 -5.78 -27.08
N ILE A 361 -32.53 -6.46 -26.06
CA ILE A 361 -33.26 -6.61 -24.80
C ILE A 361 -33.50 -5.26 -24.16
N LEU A 362 -32.46 -4.41 -24.14
CA LEU A 362 -32.62 -3.08 -23.56
C LEU A 362 -33.68 -2.29 -24.33
N ASN A 363 -33.61 -2.33 -25.67
CA ASN A 363 -34.60 -1.63 -26.48
C ASN A 363 -36.00 -2.19 -26.26
N ASP A 364 -36.11 -3.51 -26.09
CA ASP A 364 -37.39 -4.11 -25.73
C ASP A 364 -37.92 -3.54 -24.44
N VAL A 365 -37.04 -3.31 -23.46
CA VAL A 365 -37.47 -2.78 -22.17
C VAL A 365 -38.00 -1.36 -22.32
N GLN A 366 -37.24 -0.50 -23.00
CA GLN A 366 -37.62 0.91 -23.03
C GLN A 366 -38.85 1.13 -23.92
N ASP A 367 -39.06 0.29 -24.93
CA ASP A 367 -40.30 0.34 -25.68
C ASP A 367 -41.49 -0.10 -24.84
N ARG A 368 -41.36 -1.23 -24.15
CA ARG A 368 -42.49 -1.81 -23.43
C ARG A 368 -42.97 -0.91 -22.30
N PHE A 369 -42.06 -0.22 -21.63
CA PHE A 369 -42.42 0.64 -20.50
C PHE A 369 -42.47 2.11 -20.88
N GLU A 370 -42.20 2.46 -22.13
CA GLU A 370 -42.07 3.84 -22.57
C GLU A 370 -41.17 4.64 -21.63
N VAL A 371 -40.02 4.06 -21.33
CA VAL A 371 -39.04 4.65 -20.43
C VAL A 371 -37.77 4.93 -21.24
N ASN A 372 -37.02 5.95 -20.83
CA ASN A 372 -35.78 6.32 -21.49
C ASN A 372 -34.59 5.80 -20.71
N ILE A 373 -33.71 5.07 -21.39
CA ILE A 373 -32.45 4.63 -20.80
C ILE A 373 -31.32 5.32 -21.57
N SER A 374 -30.89 6.48 -21.10
CA SER A 374 -29.85 7.23 -21.78
C SER A 374 -28.47 6.68 -21.42
N GLU A 375 -27.50 6.98 -22.28
CA GLU A 375 -26.12 6.58 -22.00
C GLU A 375 -25.59 7.31 -20.77
N LEU A 376 -24.77 6.62 -20.00
CA LEU A 376 -24.31 7.18 -18.73
C LEU A 376 -23.41 8.38 -18.96
N PRO A 377 -23.76 9.56 -18.44
CA PRO A 377 -22.87 10.72 -18.57
C PRO A 377 -21.65 10.58 -17.67
N ASP A 378 -20.63 11.38 -17.97
CA ASP A 378 -19.33 11.23 -17.32
C ASP A 378 -19.37 11.59 -15.84
N GLU A 379 -20.23 12.54 -15.45
CA GLU A 379 -20.38 12.90 -14.05
C GLU A 379 -21.83 13.22 -13.77
N ILE A 380 -22.32 12.77 -12.62
CA ILE A 380 -23.73 12.92 -12.24
C ILE A 380 -23.82 13.46 -10.82
N ASP A 381 -24.99 14.01 -10.51
CA ASP A 381 -25.24 14.67 -9.23
C ASP A 381 -25.68 13.66 -8.19
N ILE A 382 -25.13 13.79 -6.98
CA ILE A 382 -25.44 12.86 -5.91
C ILE A 382 -26.90 12.99 -5.47
N SER A 383 -27.42 14.22 -5.45
CA SER A 383 -28.79 14.43 -5.01
C SER A 383 -29.80 13.86 -6.00
N SER A 384 -29.42 13.76 -7.28
CA SER A 384 -30.37 13.32 -8.30
C SER A 384 -30.71 11.84 -8.18
N TYR A 385 -29.91 11.06 -7.44
CA TYR A 385 -30.28 9.67 -7.17
C TYR A 385 -30.26 9.33 -5.68
N ILE A 386 -30.05 10.31 -4.81
CA ILE A 386 -30.24 10.14 -3.38
C ILE A 386 -31.01 11.33 -2.83
N SER B 6 45.65 38.07 -9.64
CA SER B 6 44.63 37.61 -8.70
C SER B 6 45.24 37.31 -7.33
N SER B 7 44.47 36.68 -6.46
CA SER B 7 44.88 36.44 -5.08
C SER B 7 44.54 35.01 -4.67
N GLY B 8 45.13 34.59 -3.55
CA GLY B 8 44.88 33.28 -2.97
C GLY B 8 46.00 32.27 -3.16
N PHE B 9 45.80 31.33 -4.07
CA PHE B 9 46.78 30.28 -4.33
C PHE B 9 48.05 30.82 -4.97
N ARG B 10 48.07 32.08 -5.40
CA ARG B 10 49.25 32.66 -6.02
C ARG B 10 50.45 32.69 -5.08
N ASP B 11 50.22 32.65 -3.77
CA ASP B 11 51.32 32.79 -2.81
C ASP B 11 52.36 31.68 -2.93
N PHE B 12 51.99 30.52 -3.48
CA PHE B 12 52.87 29.37 -3.54
C PHE B 12 53.82 29.38 -4.72
N LEU B 13 53.52 30.16 -5.76
CA LEU B 13 54.28 30.15 -7.02
C LEU B 13 54.34 28.74 -7.63
N LEU B 14 53.20 28.07 -7.67
CA LEU B 14 53.13 26.73 -8.23
C LEU B 14 53.30 26.75 -9.74
N LYS B 15 53.47 25.56 -10.32
CA LYS B 15 53.59 25.46 -11.77
C LYS B 15 52.30 25.94 -12.43
N PRO B 16 52.39 26.63 -13.57
CA PRO B 16 51.17 27.16 -14.21
C PRO B 16 50.17 26.08 -14.57
N GLU B 17 50.61 24.92 -15.06
CA GLU B 17 49.66 23.88 -15.41
C GLU B 17 48.99 23.28 -14.17
N LEU B 18 49.62 23.39 -13.00
CA LEU B 18 48.95 23.01 -11.76
C LEU B 18 47.91 24.06 -11.38
N LEU B 19 48.23 25.34 -11.59
CA LEU B 19 47.30 26.40 -11.23
C LEU B 19 46.09 26.42 -12.15
N ARG B 20 46.28 26.11 -13.43
CA ARG B 20 45.15 25.98 -14.34
C ARG B 20 44.23 24.83 -13.93
N ALA B 21 44.80 23.76 -13.34
CA ALA B 21 43.95 22.68 -12.84
C ALA B 21 43.11 23.13 -11.65
N ILE B 22 43.72 23.88 -10.73
CA ILE B 22 42.99 24.33 -9.54
C ILE B 22 41.85 25.25 -9.92
N VAL B 23 42.06 26.10 -10.93
CA VAL B 23 41.00 26.98 -11.41
C VAL B 23 39.83 26.15 -11.91
N ASP B 24 40.10 25.12 -12.73
CA ASP B 24 39.00 24.28 -13.21
C ASP B 24 38.31 23.52 -12.10
N CYS B 25 38.95 23.37 -10.93
CA CYS B 25 38.31 22.77 -9.78
C CYS B 25 37.36 23.71 -9.06
N GLY B 26 37.39 25.01 -9.37
CA GLY B 26 36.51 25.96 -8.75
C GLY B 26 36.98 26.51 -7.42
N PHE B 27 38.11 26.04 -6.89
CA PHE B 27 38.61 26.52 -5.61
C PHE B 27 38.93 28.01 -5.70
N GLU B 28 38.60 28.74 -4.65
CA GLU B 28 38.80 30.19 -4.61
C GLU B 28 39.95 30.62 -3.70
N HIS B 29 40.08 30.00 -2.53
CA HIS B 29 41.15 30.32 -1.60
C HIS B 29 41.56 29.05 -0.88
N PRO B 30 42.82 28.93 -0.46
CA PRO B 30 43.25 27.74 0.28
C PRO B 30 42.71 27.74 1.70
N SER B 31 42.63 26.54 2.27
CA SER B 31 42.33 26.40 3.68
C SER B 31 43.60 26.64 4.50
N GLU B 32 43.42 26.79 5.81
CA GLU B 32 44.56 27.06 6.69
C GLU B 32 45.62 25.97 6.58
N VAL B 33 45.20 24.70 6.48
CA VAL B 33 46.17 23.61 6.36
C VAL B 33 46.94 23.72 5.05
N GLN B 34 46.28 24.13 3.96
CA GLN B 34 46.98 24.27 2.68
C GLN B 34 47.95 25.44 2.72
N HIS B 35 47.55 26.57 3.29
CA HIS B 35 48.43 27.73 3.35
C HIS B 35 49.66 27.44 4.20
N GLU B 36 49.46 26.73 5.31
CA GLU B 36 50.54 26.40 6.23
C GLU B 36 51.45 25.29 5.68
N CYS B 37 50.88 24.27 5.05
CA CYS B 37 51.63 23.05 4.77
C CYS B 37 52.20 22.98 3.35
N ILE B 38 51.51 23.54 2.36
CA ILE B 38 51.97 23.42 0.96
C ILE B 38 53.33 24.04 0.75
N PRO B 39 53.61 25.30 1.12
CA PRO B 39 54.90 25.91 0.77
C PRO B 39 56.09 25.17 1.32
N GLN B 40 55.97 24.59 2.52
CA GLN B 40 57.04 23.77 3.07
C GLN B 40 57.13 22.43 2.37
N ALA B 41 55.97 21.87 2.00
CA ALA B 41 55.93 20.53 1.41
C ALA B 41 56.63 20.48 0.05
N ILE B 42 56.47 21.52 -0.77
CA ILE B 42 57.11 21.52 -2.08
C ILE B 42 58.61 21.70 -2.00
N LEU B 43 59.15 22.06 -0.84
CA LEU B 43 60.60 22.16 -0.65
C LEU B 43 61.29 20.81 -0.51
N GLY B 44 60.53 19.73 -0.33
CA GLY B 44 61.09 18.42 -0.05
C GLY B 44 61.05 18.01 1.39
N MET B 45 60.55 18.86 2.28
CA MET B 45 60.51 18.59 3.70
C MET B 45 59.59 17.41 4.01
N ASP B 46 59.99 16.62 5.02
CA ASP B 46 59.07 15.66 5.62
C ASP B 46 58.05 16.42 6.47
N VAL B 47 56.79 15.98 6.42
CA VAL B 47 55.72 16.63 7.16
C VAL B 47 54.88 15.59 7.88
N LEU B 48 54.43 15.93 9.09
CA LEU B 48 53.46 15.17 9.84
C LEU B 48 52.28 16.10 10.10
N CYS B 49 51.17 15.86 9.38
CA CYS B 49 50.10 16.83 9.25
C CYS B 49 48.81 16.31 9.88
N GLN B 50 48.26 17.10 10.79
CA GLN B 50 46.96 16.85 11.41
C GLN B 50 46.10 18.10 11.23
N ALA B 51 44.88 17.92 10.72
CA ALA B 51 44.01 19.06 10.46
C ALA B 51 42.56 18.61 10.44
N LYS B 52 41.66 19.60 10.56
CA LYS B 52 40.22 19.35 10.64
C LYS B 52 39.74 18.45 9.51
N SER B 53 38.78 17.58 9.83
CA SER B 53 38.27 16.63 8.86
C SER B 53 37.70 17.34 7.63
N GLY B 54 38.00 16.79 6.46
CA GLY B 54 37.45 17.32 5.22
C GLY B 54 37.85 18.73 4.89
N MET B 55 39.05 19.16 5.28
CA MET B 55 39.47 20.53 5.04
C MET B 55 40.50 20.66 3.92
N GLY B 56 40.74 19.61 3.16
CA GLY B 56 41.60 19.69 1.99
C GLY B 56 42.98 19.08 2.17
N LYS B 57 43.08 18.06 3.02
CA LYS B 57 44.38 17.40 3.22
C LYS B 57 44.86 16.72 1.93
N THR B 58 43.93 16.17 1.16
CA THR B 58 44.30 15.45 -0.06
C THR B 58 45.05 16.36 -1.03
N ALA B 59 44.50 17.55 -1.27
CA ALA B 59 45.14 18.47 -2.22
C ALA B 59 46.52 18.90 -1.74
N VAL B 60 46.78 18.82 -0.44
CA VAL B 60 48.09 19.21 0.08
C VAL B 60 49.18 18.31 -0.52
N PHE B 61 49.04 16.99 -0.35
CA PHE B 61 50.09 16.11 -0.84
C PHE B 61 49.97 15.82 -2.33
N VAL B 62 48.79 16.03 -2.94
CA VAL B 62 48.66 15.88 -4.37
C VAL B 62 49.35 17.03 -5.11
N LEU B 63 49.08 18.27 -4.68
CA LEU B 63 49.71 19.43 -5.31
C LEU B 63 51.21 19.45 -5.06
N ALA B 64 51.62 19.15 -3.82
CA ALA B 64 53.05 19.19 -3.48
C ALA B 64 53.84 18.13 -4.25
N THR B 65 53.30 16.92 -4.38
CA THR B 65 54.01 15.90 -5.13
C THR B 65 54.07 16.24 -6.61
N LEU B 66 52.95 16.72 -7.17
CA LEU B 66 52.93 17.13 -8.58
C LEU B 66 53.87 18.30 -8.82
N GLN B 67 53.95 19.24 -7.88
CA GLN B 67 54.87 20.36 -8.02
C GLN B 67 56.32 19.89 -8.07
N GLN B 68 56.70 19.01 -7.14
CA GLN B 68 58.08 18.52 -7.10
C GLN B 68 58.35 17.44 -8.14
N LEU B 69 57.31 16.83 -8.71
CA LEU B 69 57.52 15.69 -9.58
C LEU B 69 58.25 16.11 -10.85
N GLU B 70 59.29 15.36 -11.20
CA GLU B 70 59.88 15.43 -12.53
C GLU B 70 59.69 14.08 -13.18
N PRO B 71 58.79 13.95 -14.15
CA PRO B 71 58.47 12.62 -14.69
C PRO B 71 59.69 11.96 -15.32
N VAL B 72 59.88 10.68 -14.99
CA VAL B 72 60.95 9.86 -15.57
C VAL B 72 60.31 8.63 -16.16
N THR B 73 60.46 8.46 -17.48
CA THR B 73 59.73 7.42 -18.20
C THR B 73 60.12 6.03 -17.69
N GLY B 74 59.10 5.20 -17.45
CA GLY B 74 59.34 3.84 -16.97
C GLY B 74 59.79 3.75 -15.53
N GLN B 75 59.57 4.79 -14.73
CA GLN B 75 60.11 4.84 -13.37
C GLN B 75 59.07 5.45 -12.43
N VAL B 76 58.76 4.74 -11.35
CA VAL B 76 57.77 5.19 -10.39
C VAL B 76 58.48 6.06 -9.35
N SER B 77 58.04 7.32 -9.24
CA SER B 77 58.69 8.28 -8.36
C SER B 77 57.89 8.57 -7.10
N VAL B 78 56.57 8.35 -7.12
CA VAL B 78 55.68 8.70 -6.01
C VAL B 78 54.89 7.46 -5.62
N LEU B 79 54.84 7.18 -4.31
CA LEU B 79 54.00 6.13 -3.78
C LEU B 79 53.09 6.73 -2.71
N VAL B 80 51.79 6.49 -2.84
CA VAL B 80 50.80 6.95 -1.90
C VAL B 80 49.98 5.75 -1.45
N MET B 81 49.77 5.61 -0.15
CA MET B 81 49.07 4.45 0.36
C MET B 81 48.04 4.88 1.40
N CYS B 82 46.99 4.07 1.54
CA CYS B 82 45.94 4.30 2.53
C CYS B 82 45.35 2.96 2.96
N HIS B 83 44.37 3.02 3.87
CA HIS B 83 43.88 1.82 4.56
C HIS B 83 42.78 1.06 3.81
N THR B 84 42.06 1.69 2.87
CA THR B 84 40.97 1.03 2.16
C THR B 84 41.14 1.17 0.66
N ARG B 85 40.60 0.19 -0.08
CA ARG B 85 40.74 0.19 -1.54
C ARG B 85 40.00 1.37 -2.17
N GLU B 86 38.81 1.69 -1.67
CA GLU B 86 38.05 2.80 -2.24
C GLU B 86 38.76 4.14 -2.02
N LEU B 87 39.41 4.32 -0.87
CA LEU B 87 40.16 5.55 -0.64
C LEU B 87 41.31 5.68 -1.62
N ALA B 88 42.02 4.58 -1.90
CA ALA B 88 43.08 4.63 -2.90
C ALA B 88 42.53 4.99 -4.27
N PHE B 89 41.37 4.44 -4.61
CA PHE B 89 40.70 4.82 -5.85
C PHE B 89 40.39 6.32 -5.87
N GLN B 90 39.87 6.85 -4.77
CA GLN B 90 39.54 8.27 -4.70
C GLN B 90 40.79 9.13 -4.87
N ILE B 91 41.89 8.74 -4.22
CA ILE B 91 43.13 9.51 -4.31
C ILE B 91 43.67 9.49 -5.73
N SER B 92 43.60 8.35 -6.41
CA SER B 92 44.09 8.27 -7.78
C SER B 92 43.35 9.23 -8.70
N LYS B 93 42.02 9.23 -8.64
CA LYS B 93 41.26 10.13 -9.50
C LYS B 93 41.53 11.59 -9.14
N GLU B 94 41.76 11.86 -7.85
CA GLU B 94 42.14 13.20 -7.44
C GLU B 94 43.48 13.60 -8.06
N TYR B 95 44.43 12.67 -8.12
CA TYR B 95 45.67 12.94 -8.84
C TYR B 95 45.41 13.26 -10.31
N GLU B 96 44.42 12.60 -10.91
CA GLU B 96 44.11 12.84 -12.32
C GLU B 96 43.52 14.22 -12.54
N ARG B 97 42.71 14.71 -11.59
CA ARG B 97 42.05 15.98 -11.83
C ARG B 97 43.03 17.15 -11.66
N PHE B 98 44.08 17.00 -10.84
CA PHE B 98 45.07 18.06 -10.69
C PHE B 98 46.21 17.97 -11.68
N SER B 99 46.44 16.80 -12.27
CA SER B 99 47.39 16.64 -13.38
C SER B 99 46.71 16.77 -14.73
N LYS B 100 45.52 17.36 -14.76
CA LYS B 100 44.73 17.48 -15.99
C LYS B 100 45.55 18.14 -17.09
N TYR B 101 46.38 19.12 -16.74
CA TYR B 101 47.19 19.84 -17.72
C TYR B 101 48.66 19.48 -17.62
N MET B 102 48.97 18.26 -17.17
CA MET B 102 50.31 17.70 -17.24
C MET B 102 50.18 16.35 -17.94
N PRO B 103 50.07 16.35 -19.27
CA PRO B 103 49.75 15.11 -20.00
C PRO B 103 50.79 14.02 -19.84
N ASN B 104 52.04 14.36 -19.56
CA ASN B 104 53.08 13.35 -19.43
C ASN B 104 52.97 12.54 -18.13
N VAL B 105 52.26 13.06 -17.14
CA VAL B 105 52.15 12.39 -15.84
C VAL B 105 51.17 11.22 -15.96
N LYS B 106 51.60 10.05 -15.50
CA LYS B 106 50.78 8.84 -15.48
C LYS B 106 50.52 8.42 -14.04
N VAL B 107 49.28 8.04 -13.76
CA VAL B 107 48.84 7.64 -12.43
C VAL B 107 48.23 6.24 -12.53
N ALA B 108 48.48 5.41 -11.53
CA ALA B 108 47.86 4.09 -11.43
C ALA B 108 47.45 3.82 -10.00
N VAL B 109 46.46 2.95 -9.84
CA VAL B 109 45.99 2.54 -8.52
C VAL B 109 46.03 1.02 -8.45
N PHE B 110 46.50 0.48 -7.32
CA PHE B 110 46.65 -0.97 -7.15
C PHE B 110 46.01 -1.38 -5.84
N PHE B 111 45.10 -2.34 -5.89
CA PHE B 111 44.55 -2.90 -4.66
C PHE B 111 44.05 -4.31 -4.94
N GLY B 112 43.82 -5.04 -3.85
CA GLY B 112 43.36 -6.41 -3.96
C GLY B 112 41.92 -6.51 -4.41
N GLY B 113 41.46 -7.75 -4.53
CA GLY B 113 40.16 -8.04 -5.07
C GLY B 113 40.09 -8.05 -6.58
N LEU B 114 41.16 -7.63 -7.27
CA LEU B 114 41.28 -7.67 -8.71
C LEU B 114 42.56 -8.39 -9.08
N SER B 115 42.58 -8.99 -10.26
CA SER B 115 43.67 -9.86 -10.67
C SER B 115 45.01 -9.12 -10.66
N ILE B 116 46.02 -9.77 -10.07
CA ILE B 116 47.35 -9.18 -9.99
C ILE B 116 47.98 -9.06 -11.37
N LYS B 117 47.57 -9.90 -12.31
CA LYS B 117 48.14 -9.86 -13.66
C LYS B 117 47.78 -8.58 -14.39
N LYS B 118 46.60 -8.02 -14.12
CA LYS B 118 46.28 -6.70 -14.65
C LYS B 118 47.23 -5.64 -14.09
N ASP B 119 47.51 -5.71 -12.79
CA ASP B 119 48.48 -4.80 -12.19
C ASP B 119 49.88 -5.03 -12.77
N GLU B 120 50.26 -6.30 -12.95
CA GLU B 120 51.54 -6.60 -13.56
C GLU B 120 51.61 -6.12 -15.01
N GLU B 121 50.54 -6.34 -15.77
CA GLU B 121 50.53 -5.91 -17.16
C GLU B 121 50.65 -4.39 -17.27
N VAL B 122 49.98 -3.66 -16.37
CA VAL B 122 50.12 -2.21 -16.34
C VAL B 122 51.57 -1.82 -16.13
N LEU B 123 52.24 -2.46 -15.16
CA LEU B 123 53.60 -2.09 -14.82
C LEU B 123 54.56 -2.35 -15.98
N LYS B 124 54.45 -3.54 -16.60
CA LYS B 124 55.43 -3.92 -17.63
C LYS B 124 55.09 -3.37 -19.01
N LYS B 125 53.89 -2.84 -19.22
CA LYS B 125 53.50 -2.29 -20.51
C LYS B 125 53.31 -0.78 -20.52
N ASN B 126 52.85 -0.20 -19.41
CA ASN B 126 52.65 1.25 -19.33
C ASN B 126 52.94 1.67 -17.88
N CYS B 127 54.19 2.00 -17.63
CA CYS B 127 54.63 2.23 -16.26
C CYS B 127 54.26 3.63 -15.80
N PRO B 128 53.60 3.78 -14.66
CA PRO B 128 53.22 5.11 -14.20
C PRO B 128 54.36 5.80 -13.45
N HIS B 129 54.22 7.12 -13.30
CA HIS B 129 55.11 7.88 -12.43
C HIS B 129 54.60 7.96 -11.01
N ILE B 130 53.29 7.80 -10.80
CA ILE B 130 52.67 7.87 -9.49
C ILE B 130 51.86 6.61 -9.28
N VAL B 131 52.05 5.96 -8.14
CA VAL B 131 51.31 4.75 -7.78
C VAL B 131 50.62 5.01 -6.45
N VAL B 132 49.29 4.83 -6.44
CA VAL B 132 48.52 4.84 -5.20
C VAL B 132 47.97 3.44 -5.01
N GLY B 133 47.83 3.03 -3.75
CA GLY B 133 47.36 1.68 -3.51
C GLY B 133 47.32 1.37 -2.03
N THR B 134 46.89 0.14 -1.73
CA THR B 134 46.74 -0.43 -0.41
C THR B 134 47.96 -1.27 -0.04
N PRO B 135 48.29 -1.34 1.26
CA PRO B 135 49.57 -1.96 1.65
C PRO B 135 49.72 -3.40 1.18
N GLY B 136 48.64 -4.18 1.17
CA GLY B 136 48.73 -5.58 0.77
C GLY B 136 49.16 -5.78 -0.66
N ARG B 137 48.39 -5.22 -1.60
CA ARG B 137 48.70 -5.37 -3.02
C ARG B 137 50.05 -4.72 -3.36
N ILE B 138 50.34 -3.56 -2.79
CA ILE B 138 51.60 -2.88 -3.10
C ILE B 138 52.78 -3.74 -2.66
N LEU B 139 52.71 -4.28 -1.43
CA LEU B 139 53.77 -5.15 -0.94
C LEU B 139 53.87 -6.41 -1.80
N ALA B 140 52.74 -6.96 -2.23
CA ALA B 140 52.76 -8.13 -3.10
C ALA B 140 53.47 -7.83 -4.41
N LEU B 141 53.21 -6.67 -5.00
CA LEU B 141 53.86 -6.31 -6.25
C LEU B 141 55.34 -6.03 -6.05
N ALA B 142 55.73 -5.53 -4.88
CA ALA B 142 57.14 -5.29 -4.59
C ALA B 142 57.90 -6.60 -4.45
N ARG B 143 57.36 -7.55 -3.66
CA ARG B 143 57.96 -8.88 -3.57
C ARG B 143 57.96 -9.57 -4.93
N ASN B 144 56.90 -9.34 -5.72
CA ASN B 144 56.82 -9.83 -7.09
C ASN B 144 57.97 -9.31 -7.96
N LYS B 145 58.56 -8.18 -7.59
CA LYS B 145 59.54 -7.43 -8.38
C LYS B 145 58.92 -6.81 -9.62
N SER B 146 57.60 -6.92 -9.79
CA SER B 146 56.91 -6.19 -10.86
C SER B 146 56.90 -4.69 -10.59
N LEU B 147 56.82 -4.29 -9.32
CA LEU B 147 56.82 -2.89 -8.93
C LEU B 147 58.19 -2.52 -8.39
N ASN B 148 58.92 -1.70 -9.15
CA ASN B 148 60.27 -1.28 -8.78
C ASN B 148 60.16 -0.05 -7.90
N LEU B 149 60.47 -0.20 -6.61
CA LEU B 149 60.31 0.85 -5.63
C LEU B 149 61.61 1.53 -5.24
N LYS B 150 62.69 1.27 -5.98
CA LYS B 150 63.99 1.84 -5.66
C LYS B 150 64.20 3.21 -6.30
N HIS B 151 63.20 3.73 -7.02
CA HIS B 151 63.23 5.07 -7.58
C HIS B 151 62.27 6.02 -6.86
N ILE B 152 61.79 5.62 -5.68
CA ILE B 152 60.76 6.39 -4.99
C ILE B 152 61.38 7.64 -4.37
N LYS B 153 60.82 8.80 -4.70
CA LYS B 153 61.24 10.07 -4.11
C LYS B 153 60.23 10.65 -3.13
N HIS B 154 59.00 10.15 -3.13
CA HIS B 154 57.94 10.68 -2.28
C HIS B 154 57.10 9.53 -1.74
N PHE B 155 56.97 9.46 -0.42
CA PHE B 155 56.30 8.37 0.28
C PHE B 155 55.19 8.97 1.15
N ILE B 156 53.94 8.73 0.78
CA ILE B 156 52.80 9.41 1.36
C ILE B 156 51.87 8.38 2.01
N LEU B 157 51.46 8.64 3.25
CA LEU B 157 50.45 7.85 3.93
C LEU B 157 49.28 8.75 4.30
N ASP B 158 48.07 8.37 3.91
CA ASP B 158 46.86 9.07 4.28
C ASP B 158 46.06 8.21 5.25
N GLU B 159 45.36 8.87 6.16
CA GLU B 159 44.78 8.21 7.34
C GLU B 159 45.85 7.43 8.08
N CYS B 160 46.99 8.09 8.31
CA CYS B 160 48.20 7.39 8.72
C CYS B 160 48.08 6.78 10.11
N ASP B 161 47.33 7.41 11.02
CA ASP B 161 47.18 6.86 12.36
C ASP B 161 46.47 5.51 12.32
N LYS B 162 45.38 5.41 11.54
CA LYS B 162 44.70 4.14 11.40
C LYS B 162 45.60 3.11 10.73
N MET B 163 46.35 3.55 9.71
CA MET B 163 47.25 2.66 9.01
C MET B 163 48.38 2.16 9.92
N LEU B 164 48.73 2.93 10.95
CA LEU B 164 49.81 2.55 11.86
C LEU B 164 49.33 2.07 13.22
N GLU B 165 48.04 2.24 13.56
CA GLU B 165 47.49 1.57 14.73
C GLU B 165 47.39 0.06 14.54
N GLN B 166 47.55 -0.41 13.31
CA GLN B 166 47.38 -1.81 12.94
C GLN B 166 48.75 -2.43 12.73
N LEU B 167 49.17 -3.26 13.68
CA LEU B 167 50.54 -3.79 13.65
C LEU B 167 50.78 -4.69 12.44
N ASP B 168 49.78 -5.47 12.03
CA ASP B 168 49.92 -6.25 10.81
C ASP B 168 50.04 -5.36 9.58
N MET B 169 49.28 -4.27 9.55
CA MET B 169 49.44 -3.28 8.47
C MET B 169 50.67 -2.41 8.70
N ARG B 170 51.00 -2.11 9.96
CA ARG B 170 52.21 -1.35 10.26
C ARG B 170 53.45 -2.09 9.80
N ARG B 171 53.52 -3.40 10.07
CA ARG B 171 54.69 -4.15 9.63
C ARG B 171 54.75 -4.23 8.11
N ASP B 172 53.60 -4.28 7.44
CA ASP B 172 53.59 -4.29 5.98
C ASP B 172 54.08 -2.97 5.42
N VAL B 173 53.65 -1.84 5.99
CA VAL B 173 54.15 -0.56 5.52
C VAL B 173 55.62 -0.40 5.88
N GLN B 174 56.08 -1.00 6.99
CA GLN B 174 57.50 -0.98 7.32
C GLN B 174 58.30 -1.78 6.30
N GLU B 175 57.81 -2.97 5.93
CA GLU B 175 58.50 -3.76 4.92
C GLU B 175 58.49 -3.06 3.56
N ILE B 176 57.41 -2.35 3.24
CA ILE B 176 57.39 -1.56 2.01
C ILE B 176 58.36 -0.39 2.10
N PHE B 177 58.44 0.22 3.29
CA PHE B 177 59.32 1.37 3.47
C PHE B 177 60.79 1.01 3.29
N ARG B 178 61.16 -0.25 3.54
CA ARG B 178 62.57 -0.63 3.51
C ARG B 178 63.12 -0.69 2.09
N MET B 179 62.28 -0.95 1.11
CA MET B 179 62.70 -1.17 -0.27
C MET B 179 62.77 0.12 -1.08
N THR B 180 62.50 1.27 -0.46
CA THR B 180 62.57 2.62 -1.01
C THR B 180 63.89 3.28 -0.65
N PRO B 181 64.37 4.23 -1.44
CA PRO B 181 65.64 4.91 -1.10
C PRO B 181 65.51 5.63 0.24
N HIS B 182 66.65 5.71 0.94
CA HIS B 182 66.66 6.35 2.26
C HIS B 182 66.55 7.86 2.16
N GLU B 183 67.01 8.45 1.05
CA GLU B 183 66.90 9.88 0.81
C GLU B 183 65.66 10.12 -0.04
N LYS B 184 64.60 10.63 0.59
CA LYS B 184 63.32 10.87 -0.07
C LYS B 184 62.39 11.57 0.91
N GLN B 185 61.33 12.16 0.36
CA GLN B 185 60.33 12.85 1.16
C GLN B 185 59.30 11.86 1.71
N VAL B 186 58.91 12.08 2.96
CA VAL B 186 57.89 11.28 3.62
C VAL B 186 56.84 12.22 4.21
N MET B 187 55.58 11.99 3.86
CA MET B 187 54.49 12.84 4.34
C MET B 187 53.33 11.96 4.80
N MET B 188 52.81 12.24 5.99
CA MET B 188 51.72 11.48 6.56
C MET B 188 50.60 12.41 6.99
N PHE B 189 49.36 12.00 6.71
CA PHE B 189 48.18 12.85 6.88
C PHE B 189 47.08 12.10 7.60
N SER B 190 46.35 12.83 8.45
CA SER B 190 45.20 12.33 9.19
C SER B 190 44.55 13.49 9.91
N ALA B 191 43.27 13.31 10.27
CA ALA B 191 42.61 14.24 11.17
C ALA B 191 42.76 13.84 12.63
N THR B 192 43.11 12.59 12.89
CA THR B 192 43.34 12.08 14.24
C THR B 192 44.80 11.66 14.38
N LEU B 193 45.46 12.14 15.44
CA LEU B 193 46.84 11.77 15.75
C LEU B 193 46.92 11.57 17.26
N SER B 194 46.75 10.33 17.70
CA SER B 194 46.90 10.02 19.12
C SER B 194 48.32 10.33 19.55
N LYS B 195 48.45 10.88 20.76
CA LYS B 195 49.77 11.20 21.29
C LYS B 195 50.64 9.96 21.39
N GLU B 196 50.02 8.78 21.50
CA GLU B 196 50.77 7.53 21.49
C GLU B 196 51.46 7.30 20.15
N ILE B 197 50.77 7.61 19.05
CA ILE B 197 51.21 7.20 17.72
C ILE B 197 52.01 8.27 16.98
N ARG B 198 52.13 9.48 17.55
CA ARG B 198 53.04 10.45 16.96
C ARG B 198 54.47 9.93 16.86
N PRO B 199 55.07 9.31 17.89
CA PRO B 199 56.41 8.74 17.70
C PRO B 199 56.48 7.69 16.61
N VAL B 200 55.43 6.88 16.45
CA VAL B 200 55.45 5.81 15.44
C VAL B 200 55.59 6.40 14.04
N CYS B 201 54.83 7.47 13.75
CA CYS B 201 55.03 8.16 12.48
C CYS B 201 56.37 8.88 12.45
N ARG B 202 56.81 9.40 13.60
CA ARG B 202 58.06 10.17 13.67
C ARG B 202 59.27 9.34 13.26
N LYS B 203 59.26 8.04 13.54
CA LYS B 203 60.41 7.20 13.19
C LYS B 203 60.64 7.12 11.69
N PHE B 204 59.64 7.50 10.88
CA PHE B 204 59.74 7.41 9.44
C PHE B 204 60.32 8.65 8.79
N MET B 205 60.65 9.70 9.56
CA MET B 205 60.98 10.99 8.99
C MET B 205 62.20 11.57 9.69
N GLN B 206 62.87 12.49 9.01
CA GLN B 206 63.96 13.29 9.58
C GLN B 206 63.52 14.74 9.67
N ASP B 207 63.50 15.27 10.89
CA ASP B 207 63.16 16.66 11.13
C ASP B 207 61.89 17.12 10.41
N PRO B 208 60.76 16.43 10.63
CA PRO B 208 59.54 16.81 9.94
C PRO B 208 58.92 18.06 10.52
N MET B 209 58.27 18.84 9.66
CA MET B 209 57.35 19.84 10.15
C MET B 209 56.17 19.16 10.82
N GLU B 210 55.76 19.69 11.96
CA GLU B 210 54.71 19.08 12.78
C GLU B 210 53.49 20.00 12.80
N ILE B 211 52.42 19.57 12.16
CA ILE B 211 51.13 20.24 12.21
C ILE B 211 50.26 19.47 13.19
N PHE B 212 50.01 20.06 14.36
CA PHE B 212 49.24 19.41 15.41
C PHE B 212 48.07 20.30 15.83
N VAL B 213 46.99 19.66 16.27
CA VAL B 213 45.86 20.36 16.85
C VAL B 213 45.68 19.88 18.28
N ASP B 214 46.82 19.65 18.96
CA ASP B 214 46.89 18.96 20.26
C ASP B 214 45.72 19.26 21.18
N ASP B 215 45.39 20.54 21.36
CA ASP B 215 44.22 20.92 22.14
C ASP B 215 43.02 20.80 21.21
N GLU B 216 42.23 19.73 21.39
CA GLU B 216 41.20 19.30 20.46
C GLU B 216 39.92 20.13 20.56
N THR B 217 40.01 21.31 21.17
CA THR B 217 38.89 22.24 21.15
C THR B 217 38.43 22.55 19.73
N LYS B 218 39.35 22.55 18.77
CA LYS B 218 39.07 22.98 17.40
C LYS B 218 38.87 21.83 16.43
N LEU B 219 38.86 20.58 16.89
CA LEU B 219 38.66 19.46 15.97
C LEU B 219 37.20 19.29 15.56
N THR B 220 36.27 19.93 16.25
CA THR B 220 34.86 19.78 15.94
C THR B 220 34.49 20.60 14.70
N LEU B 221 33.48 20.11 13.97
CA LEU B 221 32.95 20.81 12.81
C LEU B 221 31.73 21.60 13.29
N HIS B 222 31.96 22.88 13.62
CA HIS B 222 30.92 23.72 14.18
C HIS B 222 29.82 24.09 13.17
N GLY B 223 29.91 23.58 11.94
CA GLY B 223 28.83 23.67 10.97
C GLY B 223 27.88 22.51 10.95
N LEU B 224 28.07 21.53 11.83
CA LEU B 224 27.22 20.35 11.92
C LEU B 224 26.35 20.44 13.17
N GLN B 225 25.07 20.11 13.02
CA GLN B 225 24.20 19.88 14.16
C GLN B 225 24.18 18.38 14.45
N GLN B 226 24.52 18.01 15.68
CA GLN B 226 24.68 16.62 16.05
C GLN B 226 23.75 16.32 17.22
N TYR B 227 22.87 15.34 17.04
CA TYR B 227 21.90 14.95 18.06
C TYR B 227 22.03 13.46 18.32
N TYR B 228 21.20 12.96 19.24
CA TYR B 228 21.18 11.53 19.58
C TYR B 228 19.77 11.16 20.01
N VAL B 229 19.47 9.86 19.95
CA VAL B 229 18.23 9.31 20.46
C VAL B 229 18.52 8.03 21.23
N LYS B 230 17.86 7.88 22.38
CA LYS B 230 17.90 6.62 23.13
C LYS B 230 16.77 5.71 22.67
N LEU B 231 17.10 4.44 22.48
CA LEU B 231 16.12 3.47 21.98
C LEU B 231 16.70 2.08 22.04
N LYS B 232 15.81 1.09 21.99
CA LYS B 232 16.20 -0.31 21.96
C LYS B 232 16.67 -0.70 20.57
N ASP B 233 17.20 -1.93 20.46
CA ASP B 233 17.62 -2.43 19.16
C ASP B 233 16.43 -2.62 18.22
N ASN B 234 15.31 -3.12 18.76
CA ASN B 234 14.10 -3.24 17.96
C ASN B 234 13.63 -1.88 17.48
N GLU B 235 13.71 -0.87 18.34
CA GLU B 235 13.26 0.47 17.98
C GLU B 235 14.23 1.15 17.02
N LYS B 236 15.45 0.62 16.85
CA LYS B 236 16.40 1.27 15.95
C LYS B 236 15.88 1.31 14.52
N ASN B 237 15.34 0.19 14.04
CA ASN B 237 14.88 0.12 12.66
C ASN B 237 13.68 1.02 12.42
N ARG B 238 12.69 0.95 13.31
CA ARG B 238 11.48 1.77 13.17
C ARG B 238 11.81 3.26 13.25
N LYS B 239 12.69 3.65 14.19
CA LYS B 239 13.10 5.05 14.27
C LYS B 239 13.85 5.47 13.02
N LEU B 240 14.70 4.58 12.50
CA LEU B 240 15.41 4.88 11.26
C LEU B 240 14.44 5.09 10.11
N PHE B 241 13.41 4.25 10.01
CA PHE B 241 12.42 4.38 8.95
C PHE B 241 11.70 5.73 9.02
N ASP B 242 11.27 6.11 10.22
CA ASP B 242 10.58 7.39 10.38
C ASP B 242 11.49 8.56 10.04
N LEU B 243 12.74 8.51 10.51
CA LEU B 243 13.66 9.63 10.25
C LEU B 243 13.95 9.76 8.77
N LEU B 244 14.14 8.64 8.07
CA LEU B 244 14.36 8.69 6.63
C LEU B 244 13.13 9.21 5.88
N ASP B 245 11.94 9.11 6.49
CA ASP B 245 10.72 9.62 5.86
C ASP B 245 10.56 11.12 6.06
N VAL B 246 10.79 11.62 7.27
CA VAL B 246 10.54 13.04 7.55
C VAL B 246 11.70 13.91 7.07
N LEU B 247 12.93 13.53 7.42
CA LEU B 247 14.09 14.36 7.09
C LEU B 247 14.30 14.41 5.59
N GLU B 248 14.41 15.63 5.06
CA GLU B 248 14.79 15.80 3.67
C GLU B 248 16.30 15.78 3.52
N PHE B 249 16.77 15.08 2.50
CA PHE B 249 18.19 14.94 2.26
C PHE B 249 18.40 14.67 0.78
N ASN B 250 19.65 14.86 0.34
CA ASN B 250 20.05 14.35 -0.96
C ASN B 250 20.62 12.94 -0.80
N GLN B 251 21.62 12.78 0.06
CA GLN B 251 22.24 11.50 0.32
C GLN B 251 22.45 11.33 1.83
N VAL B 252 22.54 10.06 2.23
CA VAL B 252 22.66 9.67 3.63
C VAL B 252 23.63 8.49 3.71
N VAL B 253 24.48 8.48 4.73
CA VAL B 253 25.33 7.34 5.04
C VAL B 253 24.93 6.81 6.41
N ILE B 254 24.69 5.51 6.49
CA ILE B 254 24.24 4.84 7.71
C ILE B 254 25.30 3.80 8.09
N PHE B 255 25.88 3.96 9.28
CA PHE B 255 27.03 3.16 9.70
C PHE B 255 26.60 2.09 10.70
N VAL B 256 26.97 0.84 10.41
CA VAL B 256 26.71 -0.28 11.30
C VAL B 256 28.05 -0.90 11.68
N LYS B 257 28.02 -1.79 12.69
CA LYS B 257 29.23 -2.25 13.33
C LYS B 257 29.72 -3.61 12.83
N SER B 258 29.11 -4.16 11.78
CA SER B 258 29.54 -5.46 11.27
C SER B 258 29.06 -5.63 9.83
N VAL B 259 29.65 -6.62 9.16
CA VAL B 259 29.21 -6.99 7.82
C VAL B 259 27.80 -7.57 7.86
N GLN B 260 27.52 -8.41 8.87
CA GLN B 260 26.18 -8.99 9.00
C GLN B 260 25.12 -7.90 9.13
N ARG B 261 25.37 -6.91 9.98
CA ARG B 261 24.41 -5.82 10.15
C ARG B 261 24.29 -4.99 8.88
N CYS B 262 25.39 -4.82 8.14
CA CYS B 262 25.36 -4.03 6.92
C CYS B 262 24.47 -4.68 5.86
N ILE B 263 24.60 -5.99 5.67
CA ILE B 263 23.80 -6.68 4.66
C ILE B 263 22.34 -6.72 5.07
N ALA B 264 22.06 -7.02 6.34
CA ALA B 264 20.68 -7.17 6.80
C ALA B 264 19.93 -5.85 6.74
N LEU B 265 20.54 -4.77 7.21
CA LEU B 265 19.86 -3.48 7.18
C LEU B 265 19.62 -3.03 5.74
N ALA B 266 20.57 -3.26 4.85
CA ALA B 266 20.38 -2.88 3.45
C ALA B 266 19.20 -3.65 2.85
N GLN B 267 19.12 -4.96 3.10
CA GLN B 267 18.01 -5.76 2.59
C GLN B 267 16.68 -5.32 3.21
N LEU B 268 16.69 -5.05 4.52
CA LEU B 268 15.48 -4.62 5.19
C LEU B 268 15.00 -3.26 4.68
N LEU B 269 15.94 -2.35 4.40
CA LEU B 269 15.56 -1.06 3.84
C LEU B 269 14.96 -1.22 2.45
N VAL B 270 15.51 -2.13 1.64
CA VAL B 270 15.00 -2.33 0.28
C VAL B 270 13.57 -2.86 0.33
N GLU B 271 13.29 -3.80 1.23
CA GLU B 271 11.95 -4.38 1.29
C GLU B 271 10.90 -3.38 1.76
N GLN B 272 11.32 -2.31 2.45
CA GLN B 272 10.44 -1.22 2.80
C GLN B 272 10.41 -0.13 1.72
N ASN B 273 10.91 -0.44 0.53
CA ASN B 273 11.03 0.52 -0.58
C ASN B 273 11.86 1.74 -0.18
N PHE B 274 13.03 1.48 0.40
CA PHE B 274 14.09 2.48 0.50
C PHE B 274 15.18 2.08 -0.49
N PRO B 275 15.52 2.89 -1.48
CA PRO B 275 16.53 2.47 -2.46
C PRO B 275 17.92 2.46 -1.86
N ALA B 276 18.18 1.54 -0.94
CA ALA B 276 19.44 1.50 -0.22
C ALA B 276 20.45 0.60 -0.91
N ILE B 277 21.71 1.01 -0.90
CA ILE B 277 22.81 0.17 -1.33
C ILE B 277 23.71 -0.09 -0.15
N ALA B 278 24.57 -1.09 -0.29
CA ALA B 278 25.49 -1.44 0.78
C ALA B 278 26.90 -1.56 0.20
N ILE B 279 27.88 -1.25 1.04
CA ILE B 279 29.28 -1.48 0.70
C ILE B 279 30.00 -2.02 1.93
N HIS B 280 30.81 -3.07 1.73
CA HIS B 280 31.51 -3.74 2.80
C HIS B 280 32.46 -4.76 2.19
N ARG B 281 33.43 -5.21 2.99
CA ARG B 281 34.31 -6.28 2.54
C ARG B 281 33.50 -7.56 2.38
N GLY B 282 33.90 -8.37 1.40
CA GLY B 282 33.18 -9.57 1.02
C GLY B 282 32.41 -9.43 -0.27
N MET B 283 32.02 -8.20 -0.63
CA MET B 283 31.51 -7.96 -1.96
C MET B 283 32.62 -8.18 -2.98
N PRO B 284 32.30 -8.67 -4.17
CA PRO B 284 33.30 -8.65 -5.25
C PRO B 284 33.77 -7.22 -5.47
N GLN B 285 35.09 -7.06 -5.63
CA GLN B 285 35.67 -5.72 -5.64
C GLN B 285 35.11 -4.89 -6.80
N GLU B 286 34.88 -5.52 -7.94
CA GLU B 286 34.26 -4.82 -9.07
C GLU B 286 32.84 -4.37 -8.72
N GLU B 287 32.15 -5.11 -7.86
CA GLU B 287 30.80 -4.73 -7.47
C GLU B 287 30.81 -3.57 -6.48
N ARG B 288 31.72 -3.57 -5.50
CA ARG B 288 31.77 -2.46 -4.55
C ARG B 288 32.41 -1.21 -5.15
N LEU B 289 33.18 -1.36 -6.22
CA LEU B 289 33.60 -0.19 -6.99
C LEU B 289 32.43 0.41 -7.76
N SER B 290 31.60 -0.44 -8.37
CA SER B 290 30.42 0.06 -9.06
C SER B 290 29.43 0.69 -8.09
N ARG B 291 29.35 0.17 -6.86
CA ARG B 291 28.46 0.76 -5.87
C ARG B 291 29.05 2.02 -5.24
N TYR B 292 30.37 2.09 -5.09
CA TYR B 292 30.99 3.33 -4.65
C TYR B 292 30.77 4.45 -5.67
N GLN B 293 30.90 4.12 -6.96
CA GLN B 293 30.83 5.16 -7.98
C GLN B 293 29.42 5.72 -8.09
N GLN B 294 28.39 4.86 -8.10
CA GLN B 294 27.04 5.37 -8.26
C GLN B 294 26.60 6.21 -7.06
N PHE B 295 27.09 5.89 -5.86
CA PHE B 295 26.90 6.78 -4.73
C PHE B 295 27.61 8.12 -4.95
N LYS B 296 28.84 8.08 -5.44
CA LYS B 296 29.58 9.32 -5.70
C LYS B 296 28.94 10.11 -6.84
N ASP B 297 28.42 9.41 -7.85
CA ASP B 297 27.74 10.05 -8.98
C ASP B 297 26.27 10.32 -8.70
N PHE B 298 25.84 10.18 -7.44
CA PHE B 298 24.50 10.56 -7.00
C PHE B 298 23.41 9.76 -7.70
N GLN B 299 23.69 8.48 -7.97
CA GLN B 299 22.67 7.59 -8.50
C GLN B 299 21.98 6.77 -7.42
N ARG B 300 22.45 6.84 -6.18
CA ARG B 300 21.77 6.21 -5.06
C ARG B 300 21.75 7.18 -3.89
N ARG B 301 20.65 7.19 -3.14
CA ARG B 301 20.45 8.16 -2.07
C ARG B 301 20.92 7.65 -0.70
N ILE B 302 20.87 6.34 -0.45
CA ILE B 302 21.08 5.80 0.89
C ILE B 302 22.19 4.76 0.82
N LEU B 303 23.21 4.93 1.66
CA LEU B 303 24.32 3.98 1.73
C LEU B 303 24.43 3.43 3.15
N VAL B 304 24.45 2.11 3.26
CA VAL B 304 24.74 1.43 4.52
C VAL B 304 26.14 0.87 4.41
N ALA B 305 26.98 1.18 5.40
CA ALA B 305 28.38 0.83 5.30
C ALA B 305 28.90 0.39 6.66
N THR B 306 29.98 -0.38 6.62
CA THR B 306 30.79 -0.66 7.79
C THR B 306 31.76 0.52 7.98
N ASN B 307 32.75 0.37 8.87
CA ASN B 307 33.76 1.40 9.01
C ASN B 307 34.66 1.51 7.79
N LEU B 308 34.48 0.62 6.81
CA LEU B 308 35.17 0.73 5.53
C LEU B 308 34.96 2.10 4.89
N PHE B 309 33.78 2.68 5.06
CA PHE B 309 33.45 3.99 4.51
C PHE B 309 33.60 5.10 5.54
N GLY B 310 34.12 4.79 6.72
CA GLY B 310 34.15 5.74 7.82
C GLY B 310 35.24 6.80 7.74
N ARG B 311 36.23 6.64 6.87
CA ARG B 311 37.33 7.59 6.77
C ARG B 311 37.56 8.02 5.32
N GLY B 312 37.88 9.30 5.14
CA GLY B 312 38.42 9.79 3.89
C GLY B 312 37.47 9.93 2.71
N MET B 313 36.38 9.17 2.70
CA MET B 313 35.43 9.25 1.60
C MET B 313 34.88 10.66 1.47
N ASP B 314 34.93 11.19 0.25
CA ASP B 314 34.51 12.56 -0.04
C ASP B 314 33.36 12.50 -1.03
N ILE B 315 32.13 12.48 -0.51
CA ILE B 315 30.92 12.43 -1.31
C ILE B 315 30.26 13.80 -1.21
N GLU B 316 30.03 14.40 -2.38
CA GLU B 316 29.62 15.80 -2.46
C GLU B 316 28.27 16.04 -1.77
N ARG B 317 27.31 15.13 -1.94
CA ARG B 317 25.93 15.43 -1.57
C ARG B 317 25.44 14.67 -0.34
N VAL B 318 26.34 14.17 0.50
CA VAL B 318 25.95 13.52 1.74
C VAL B 318 25.57 14.61 2.75
N ASN B 319 24.29 14.64 3.14
CA ASN B 319 23.80 15.64 4.07
C ASN B 319 23.69 15.12 5.50
N ILE B 320 23.50 13.82 5.68
CA ILE B 320 23.24 13.22 6.98
C ILE B 320 24.17 12.02 7.17
N ALA B 321 24.68 11.86 8.39
CA ALA B 321 25.43 10.68 8.78
C ALA B 321 24.71 10.00 9.94
N PHE B 322 24.54 8.69 9.84
CA PHE B 322 23.82 7.91 10.84
C PHE B 322 24.78 6.97 11.56
N ASN B 323 24.75 6.99 12.88
CA ASN B 323 25.40 5.98 13.71
C ASN B 323 24.30 5.02 14.17
N TYR B 324 23.88 4.14 13.26
CA TYR B 324 22.91 3.11 13.62
C TYR B 324 23.45 2.23 14.74
N ASP B 325 24.74 1.89 14.67
CA ASP B 325 25.47 1.34 15.80
C ASP B 325 26.45 2.38 16.32
N MET B 326 26.72 2.32 17.61
CA MET B 326 27.69 3.24 18.19
C MET B 326 29.07 2.96 17.62
N PRO B 327 29.85 3.99 17.29
CA PRO B 327 31.24 3.77 16.88
C PRO B 327 32.05 3.16 18.01
N GLU B 328 33.10 2.41 17.63
CA GLU B 328 33.94 1.73 18.62
C GLU B 328 34.59 2.73 19.56
N ASP B 329 35.11 3.83 19.03
CA ASP B 329 35.84 4.81 19.81
C ASP B 329 35.46 6.20 19.33
N SER B 330 35.98 7.23 20.02
CA SER B 330 35.75 8.59 19.58
C SER B 330 36.51 8.92 18.30
N ASP B 331 37.60 8.20 18.01
CA ASP B 331 38.29 8.38 16.73
C ASP B 331 37.37 8.03 15.57
N THR B 332 36.78 6.83 15.61
CA THR B 332 35.91 6.40 14.52
C THR B 332 34.69 7.31 14.42
N TYR B 333 34.16 7.76 15.56
CA TYR B 333 33.02 8.68 15.56
C TYR B 333 33.32 9.95 14.78
N LEU B 334 34.46 10.59 15.07
CA LEU B 334 34.77 11.87 14.45
C LEU B 334 34.94 11.75 12.94
N HIS B 335 35.45 10.61 12.45
CA HIS B 335 35.62 10.45 11.01
C HIS B 335 34.29 10.15 10.32
N ARG B 336 33.41 9.40 10.97
CA ARG B 336 32.14 9.05 10.34
C ARG B 336 31.24 10.27 10.22
N VAL B 337 31.12 11.05 11.30
CA VAL B 337 30.32 12.26 11.25
C VAL B 337 30.87 13.22 10.20
N ALA B 338 32.19 13.20 9.98
CA ALA B 338 32.85 14.04 9.00
C ALA B 338 32.48 13.69 7.57
N ARG B 339 31.82 12.55 7.33
CA ARG B 339 31.41 12.22 5.97
C ARG B 339 30.33 13.16 5.45
N ALA B 340 29.62 13.83 6.34
CA ALA B 340 28.75 14.94 5.98
C ALA B 340 29.43 16.26 6.28
N GLY B 341 28.96 17.32 5.64
CA GLY B 341 29.53 18.63 5.86
C GLY B 341 30.95 18.79 5.36
N ARG B 342 31.23 18.29 4.16
CA ARG B 342 32.57 18.35 3.61
C ARG B 342 33.00 19.80 3.38
N PHE B 343 34.25 20.09 3.73
CA PHE B 343 34.83 21.43 3.61
C PHE B 343 34.00 22.48 4.35
N GLY B 344 33.43 22.09 5.49
CA GLY B 344 32.76 23.04 6.35
C GLY B 344 31.35 23.42 5.97
N THR B 345 30.73 22.73 5.02
CA THR B 345 29.31 22.98 4.77
C THR B 345 28.48 22.37 5.91
N LYS B 346 27.22 22.75 5.97
CA LYS B 346 26.40 22.22 7.05
C LYS B 346 25.88 20.83 6.71
N GLY B 347 25.56 20.08 7.77
CA GLY B 347 25.07 18.73 7.67
C GLY B 347 24.45 18.29 8.97
N LEU B 348 24.19 16.98 9.07
CA LEU B 348 23.43 16.43 10.18
C LEU B 348 24.02 15.08 10.57
N ALA B 349 24.06 14.81 11.87
CA ALA B 349 24.62 13.57 12.40
C ALA B 349 23.73 13.09 13.53
N ILE B 350 23.23 11.85 13.40
CA ILE B 350 22.31 11.26 14.37
C ILE B 350 22.93 9.96 14.88
N THR B 351 22.99 9.81 16.20
CA THR B 351 23.66 8.68 16.82
C THR B 351 22.68 7.91 17.70
N PHE B 352 22.67 6.58 17.56
CA PHE B 352 21.78 5.71 18.31
C PHE B 352 22.48 5.21 19.58
N VAL B 353 21.89 5.49 20.73
CA VAL B 353 22.38 5.02 22.01
C VAL B 353 21.51 3.85 22.45
N SER B 354 22.06 2.64 22.39
CA SER B 354 21.31 1.41 22.66
C SER B 354 21.46 0.93 24.10
N ASP B 355 22.69 0.65 24.52
CA ASP B 355 22.96 0.05 25.82
C ASP B 355 23.84 0.99 26.66
N GLU B 356 24.34 0.46 27.79
CA GLU B 356 25.21 1.25 28.66
C GLU B 356 26.43 1.75 27.92
N ASN B 357 27.13 0.87 27.21
CA ASN B 357 28.39 1.25 26.57
C ASN B 357 28.17 2.32 25.51
N ASP B 358 26.99 2.38 24.90
CA ASP B 358 26.71 3.41 23.91
C ASP B 358 26.71 4.80 24.53
N ALA B 359 26.02 4.96 25.66
CA ALA B 359 26.06 6.24 26.36
C ALA B 359 27.42 6.50 26.97
N LYS B 360 28.17 5.44 27.30
CA LYS B 360 29.51 5.59 27.85
C LYS B 360 30.43 6.28 26.84
N ILE B 361 30.37 5.86 25.58
CA ILE B 361 31.24 6.42 24.56
C ILE B 361 30.78 7.82 24.17
N LEU B 362 29.46 8.04 24.07
CA LEU B 362 28.98 9.34 23.63
C LEU B 362 29.27 10.43 24.66
N ASN B 363 29.35 10.07 25.95
CA ASN B 363 29.77 11.04 26.95
C ASN B 363 31.27 11.30 26.88
N ASP B 364 32.05 10.31 26.40
CA ASP B 364 33.48 10.53 26.18
C ASP B 364 33.70 11.55 25.06
N VAL B 365 33.07 11.34 23.90
CA VAL B 365 33.25 12.24 22.78
C VAL B 365 32.68 13.62 23.08
N GLN B 366 31.59 13.68 23.84
CA GLN B 366 31.03 14.98 24.23
C GLN B 366 32.02 15.75 25.10
N ASP B 367 32.69 15.06 26.03
CA ASP B 367 33.65 15.73 26.91
C ASP B 367 34.93 16.08 26.17
N ARG B 368 35.42 15.17 25.33
CA ARG B 368 36.73 15.34 24.70
C ARG B 368 36.78 16.55 23.77
N PHE B 369 35.66 16.89 23.14
CA PHE B 369 35.64 17.95 22.13
C PHE B 369 34.93 19.21 22.60
N GLU B 370 34.42 19.26 23.83
CA GLU B 370 33.63 20.39 24.33
C GLU B 370 32.43 20.66 23.44
N VAL B 371 31.67 19.60 23.14
CA VAL B 371 30.57 19.70 22.19
C VAL B 371 29.25 19.43 22.88
N ASN B 372 28.19 20.02 22.33
CA ASN B 372 26.83 19.78 22.77
C ASN B 372 26.17 18.78 21.82
N ILE B 373 25.57 17.74 22.38
CA ILE B 373 24.81 16.76 21.62
C ILE B 373 23.42 16.72 22.25
N SER B 374 22.51 17.53 21.72
CA SER B 374 21.16 17.61 22.24
C SER B 374 20.39 16.34 21.90
N GLU B 375 19.45 15.98 22.77
CA GLU B 375 18.49 14.95 22.40
C GLU B 375 17.70 15.42 21.19
N LEU B 376 17.45 14.52 20.27
CA LEU B 376 16.90 14.91 18.97
C LEU B 376 15.49 15.45 19.12
N PRO B 377 15.23 16.70 18.73
CA PRO B 377 13.86 17.23 18.76
C PRO B 377 13.01 16.62 17.66
N ASP B 378 11.70 16.84 17.77
CA ASP B 378 10.76 16.26 16.82
C ASP B 378 10.63 17.04 15.53
N GLU B 379 11.13 18.27 15.46
CA GLU B 379 11.11 19.04 14.23
C GLU B 379 12.41 19.83 14.10
N ILE B 380 13.06 19.72 12.95
CA ILE B 380 14.34 20.37 12.68
C ILE B 380 14.19 21.27 11.46
N ASP B 381 14.76 22.47 11.55
CA ASP B 381 14.76 23.38 10.41
C ASP B 381 15.50 22.76 9.23
N ILE B 382 14.91 22.89 8.04
CA ILE B 382 15.63 22.48 6.83
C ILE B 382 16.79 23.42 6.58
N SER B 383 16.68 24.69 7.00
CA SER B 383 17.80 25.60 6.91
C SER B 383 18.93 25.21 7.84
N SER B 384 18.62 24.48 8.91
CA SER B 384 19.61 24.18 9.94
C SER B 384 20.75 23.33 9.38
N TYR B 385 20.43 22.24 8.70
CA TYR B 385 21.44 21.26 8.33
C TYR B 385 21.70 21.18 6.83
N ILE B 386 21.27 22.18 6.06
CA ILE B 386 21.69 22.26 4.65
C ILE B 386 21.53 23.68 4.11
N GLU C 6 10.15 5.22 -14.68
CA GLU C 6 9.24 6.24 -14.15
C GLU C 6 7.80 5.94 -14.54
N GLU C 7 7.62 5.25 -15.65
CA GLU C 7 6.30 4.72 -15.98
C GLU C 7 5.82 3.76 -14.90
N ILE C 8 6.74 3.02 -14.29
CA ILE C 8 6.41 2.20 -13.14
C ILE C 8 6.12 3.07 -11.92
N LYS C 9 6.85 4.18 -11.78
CA LYS C 9 6.69 5.04 -10.61
C LYS C 9 5.30 5.68 -10.57
N ALA C 10 4.89 6.30 -11.66
CA ALA C 10 3.60 6.99 -11.68
C ALA C 10 2.44 6.01 -11.53
N LYS C 11 2.54 4.85 -12.18
CA LYS C 11 1.48 3.86 -12.12
C LYS C 11 1.49 3.06 -10.82
N ALA C 12 2.61 3.03 -10.11
CA ALA C 12 2.57 2.55 -8.73
C ALA C 12 1.80 3.51 -7.84
N LEU C 13 1.91 4.82 -8.12
CA LEU C 13 1.15 5.81 -7.37
C LEU C 13 -0.35 5.69 -7.64
N ASP C 14 -0.73 5.22 -8.83
CA ASP C 14 -2.15 5.09 -9.13
C ASP C 14 -2.80 3.95 -8.36
N LEU C 15 -2.08 2.83 -8.22
CA LEU C 15 -2.61 1.72 -7.43
C LEU C 15 -2.77 2.13 -5.97
N LEU C 16 -1.82 2.89 -5.44
CA LEU C 16 -1.90 3.33 -4.04
C LEU C 16 -2.97 4.40 -3.86
N ASN C 17 -3.10 5.32 -4.82
CA ASN C 17 -4.14 6.35 -4.75
C ASN C 17 -5.54 5.77 -4.87
N LYS C 18 -5.68 4.52 -5.29
CA LYS C 18 -6.95 3.82 -5.28
C LYS C 18 -7.14 2.99 -4.01
N LYS C 19 -6.10 2.29 -3.56
CA LYS C 19 -6.21 1.56 -2.29
C LYS C 19 -6.47 2.52 -1.15
N LEU C 20 -5.79 3.67 -1.12
CA LEU C 20 -6.07 4.68 -0.10
C LEU C 20 -7.47 5.24 -0.25
N HIS C 21 -7.90 5.54 -1.47
CA HIS C 21 -9.23 6.07 -1.70
C HIS C 21 -10.29 5.08 -1.19
N ARG C 22 -10.18 3.81 -1.59
CA ARG C 22 -11.17 2.82 -1.20
C ARG C 22 -11.13 2.52 0.29
N ALA C 23 -9.95 2.60 0.91
CA ALA C 23 -9.87 2.42 2.36
C ALA C 23 -10.66 3.50 3.09
N ASN C 24 -10.53 4.75 2.66
CA ASN C 24 -11.33 5.82 3.25
C ASN C 24 -12.81 5.62 2.98
N LYS C 25 -13.16 5.30 1.73
CA LYS C 25 -14.56 5.23 1.34
C LYS C 25 -15.31 4.12 2.06
N PHE C 26 -14.62 3.05 2.43
CA PHE C 26 -15.26 1.87 3.02
C PHE C 26 -14.74 1.58 4.42
N GLY C 27 -14.56 2.65 5.21
CA GLY C 27 -14.36 2.54 6.64
C GLY C 27 -13.20 1.67 7.11
N GLN C 28 -12.03 1.84 6.52
CA GLN C 28 -10.87 1.01 6.88
C GLN C 28 -10.29 1.44 8.24
N ASP C 29 -9.52 0.53 8.82
CA ASP C 29 -8.83 0.83 10.08
C ASP C 29 -7.84 1.97 9.87
N GLN C 30 -7.71 2.82 10.90
CA GLN C 30 -6.87 4.01 10.77
C GLN C 30 -5.40 3.65 10.61
N ALA C 31 -4.98 2.49 11.11
CA ALA C 31 -3.62 2.03 10.88
C ALA C 31 -3.35 1.80 9.40
N ASP C 32 -4.35 1.28 8.68
CA ASP C 32 -4.20 1.04 7.24
C ASP C 32 -4.11 2.35 6.47
N ILE C 33 -4.89 3.36 6.87
CA ILE C 33 -4.85 4.65 6.18
C ILE C 33 -3.46 5.26 6.28
N ASP C 34 -2.87 5.23 7.48
CA ASP C 34 -1.54 5.79 7.67
C ASP C 34 -0.48 4.97 6.98
N SER C 35 -0.62 3.65 6.99
CA SER C 35 0.37 2.79 6.33
C SER C 35 0.39 3.04 4.83
N LEU C 36 -0.78 3.20 4.21
CA LEU C 36 -0.82 3.50 2.79
C LEU C 36 -0.24 4.88 2.48
N GLN C 37 -0.58 5.88 3.29
CA GLN C 37 -0.08 7.23 3.06
C GLN C 37 1.42 7.30 3.31
N ARG C 38 1.90 6.60 4.34
CA ARG C 38 3.33 6.51 4.59
C ARG C 38 4.07 5.88 3.42
N GLN C 39 3.42 4.94 2.73
CA GLN C 39 4.02 4.36 1.54
C GLN C 39 3.94 5.28 0.33
N ILE C 40 2.83 6.02 0.19
CA ILE C 40 2.67 6.92 -0.94
C ILE C 40 3.75 8.00 -0.91
N ASN C 41 3.91 8.67 0.24
CA ASN C 41 4.88 9.74 0.35
C ASN C 41 6.31 9.22 0.23
N ARG C 42 6.55 7.97 0.61
CA ARG C 42 7.86 7.37 0.43
C ARG C 42 8.14 7.09 -1.04
N VAL C 43 7.14 6.63 -1.78
CA VAL C 43 7.31 6.35 -3.21
C VAL C 43 7.55 7.64 -3.97
N GLU C 44 6.94 8.76 -3.56
CA GLU C 44 7.21 10.02 -4.23
C GLU C 44 8.62 10.52 -3.92
N LYS C 45 9.04 10.39 -2.66
CA LYS C 45 10.38 10.85 -2.26
C LYS C 45 11.50 10.04 -2.89
N PHE C 46 11.19 8.86 -3.40
CA PHE C 46 12.17 7.91 -3.94
C PHE C 46 11.56 7.34 -5.21
N GLY C 47 12.09 6.22 -5.70
CA GLY C 47 11.48 5.55 -6.83
C GLY C 47 10.62 4.37 -6.43
N VAL C 48 10.54 3.39 -7.32
CA VAL C 48 10.03 2.06 -7.03
C VAL C 48 11.20 1.10 -7.12
N ASP C 49 11.52 0.46 -6.00
CA ASP C 49 12.57 -0.56 -5.97
C ASP C 49 11.97 -1.89 -6.36
N LEU C 50 12.57 -2.53 -7.38
CA LEU C 50 11.99 -3.75 -7.92
C LEU C 50 12.09 -4.91 -6.95
N ASN C 51 13.06 -4.88 -6.03
CA ASN C 51 13.20 -5.91 -5.01
C ASN C 51 12.41 -5.60 -3.73
N SER C 52 11.69 -4.48 -3.70
CA SER C 52 10.87 -4.14 -2.54
C SER C 52 9.66 -5.06 -2.46
N LYS C 53 9.12 -5.20 -1.24
CA LYS C 53 7.88 -5.94 -1.05
C LYS C 53 6.68 -5.20 -1.61
N LEU C 54 6.78 -3.88 -1.81
CA LEU C 54 5.72 -3.15 -2.51
C LEU C 54 5.58 -3.60 -3.96
N ALA C 55 6.62 -4.23 -4.52
CA ALA C 55 6.56 -4.81 -5.86
C ALA C 55 5.70 -6.08 -5.91
N GLU C 56 5.01 -6.41 -4.82
CA GLU C 56 4.05 -7.52 -4.85
C GLU C 56 2.92 -7.24 -5.84
N GLU C 57 2.44 -6.00 -5.88
CA GLU C 57 1.33 -5.59 -6.74
C GLU C 57 1.72 -5.48 -8.20
N LEU C 58 2.99 -5.71 -8.54
CA LEU C 58 3.47 -5.48 -9.89
C LEU C 58 3.78 -6.81 -10.58
#